data_9KB6
#
_entry.id   9KB6
#
_cell.length_a   1.00
_cell.length_b   1.00
_cell.length_c   1.00
_cell.angle_alpha   90.00
_cell.angle_beta   90.00
_cell.angle_gamma   90.00
#
_symmetry.space_group_name_H-M   'P 1'
#
loop_
_entity.id
_entity.type
_entity.pdbx_description
1 polymer 'Leucine-rich repeat-containing G-protein coupled receptor 4'
2 non-polymer 2-acetamido-2-deoxy-beta-D-glucopyranose
#
_entity_poly.entity_id   1
_entity_poly.type   'polypeptide(L)'
_entity_poly.pdbx_seq_one_letter_code
;MPGPLGLLCFLALGLLGSAGPSGAAPPLCAAPCSCDGDRRVDCSGKGLTAVPEGLSAFTQALDISMNNITQLPEDAFKNF
PFLEELQLAGNDLSFIHPKALSGLKELKVLTLQNNQLKTVPSEAIRGLSALQSLRLDANHITSVPEDSFEGLVQLRHLWL
DDNSLTEVPVHPLSNLPTLQALTLALNKISSIPDFAFTNLSSLVVLHLHNNKIRSLSQHCFDGLDNLETLDLNYNNLGEF
PQAIKALPSLKELGFHSNSISVIPDGAFDGNPLLRTIHLYDNPLSFVGNSAFHNLSDLHSLVIRGASMVQQFPNLTGTVH
LESLTLTGTKISSIPNNLCQEQKMLRTLDLSYNNIRDLPSFNGCHALEEISLQRNQIYQIKEGTFQGLISLRILDLSRNL
IHEIHSRAFATLGPITNLDVSFNELTSFPTEGLNGLNQLKLVGNFKLKEALAAKDFVNLRSLSVPYAYQCCAFWGCDSYA
NLNTEDNSLQDHSVAQEKGTADAANVTSTLENEEHSQIIIHCTPSTGAFKPCEYLLGSWMIRLTVWFIFLVALFFNLLVI
LTTFASCTSLPSSKLFIGLISVSNLFMGIYTGILTFLDAVSWGRFAEFGIWWETGSGCKVAGFLAVFSSESAIFLLMLAT
VERSLSAKDIMKNGKSNHLKQFRVAALLAFLGATVAGCFPLFHRGEYSASPLCLPFPTGETPSLGFTVTLVLLNSLAFLL
MAVIYTKLYCNLEKEDLSENSQSSMIKHVAWLIFTNCIFFCPVAFFSFAPLITAISISPEIMKSVTLIFFPLPACLNPVL
YVFFNPKFKEDWKLLKRRVTKKENLYFQGDYKDDDDKHHHHHHHH
;
_entity_poly.pdbx_strand_id   A
#
loop_
_chem_comp.id
_chem_comp.type
_chem_comp.name
_chem_comp.formula
NAG D-saccharide, beta linking 2-acetamido-2-deoxy-beta-D-glucopyranose 'C8 H15 N O6'
#
# COMPACT_ATOMS: atom_id res chain seq x y z
N CYS A 29 -29.40 -58.11 -2.53
CA CYS A 29 -29.50 -57.41 -3.80
C CYS A 29 -28.66 -58.13 -4.84
N ALA A 30 -29.03 -57.94 -6.10
CA ALA A 30 -28.34 -58.60 -7.20
C ALA A 30 -26.91 -58.09 -7.32
N ALA A 31 -25.97 -59.02 -7.53
CA ALA A 31 -24.58 -58.66 -7.69
C ALA A 31 -24.37 -57.88 -8.99
N PRO A 32 -23.31 -57.05 -9.07
CA PRO A 32 -22.29 -56.77 -8.05
C PRO A 32 -22.62 -55.56 -7.18
N CYS A 33 -23.81 -55.00 -7.31
CA CYS A 33 -24.16 -53.77 -6.61
C CYS A 33 -25.17 -54.05 -5.51
N SER A 34 -25.47 -53.00 -4.73
CA SER A 34 -26.28 -53.12 -3.53
C SER A 34 -27.63 -52.43 -3.70
N CYS A 35 -28.58 -52.84 -2.87
CA CYS A 35 -29.93 -52.29 -2.85
C CYS A 35 -30.14 -51.64 -1.48
N ASP A 36 -30.48 -50.34 -1.49
CA ASP A 36 -30.65 -49.60 -0.23
C ASP A 36 -32.07 -49.63 0.27
N GLY A 37 -32.69 -50.81 0.34
CA GLY A 37 -34.07 -50.92 0.81
C GLY A 37 -35.01 -50.01 0.06
N ASP A 38 -36.22 -49.84 0.62
CA ASP A 38 -37.20 -48.85 0.18
C ASP A 38 -37.33 -48.76 -1.33
N ARG A 39 -37.28 -49.90 -2.02
CA ARG A 39 -37.34 -49.96 -3.47
C ARG A 39 -36.25 -49.13 -4.14
N ARG A 40 -35.11 -48.97 -3.47
CA ARG A 40 -34.00 -48.16 -3.97
C ARG A 40 -32.80 -49.04 -4.24
N VAL A 41 -32.15 -48.81 -5.37
CA VAL A 41 -31.00 -49.59 -5.81
C VAL A 41 -29.83 -48.64 -6.05
N ASP A 42 -28.72 -48.88 -5.38
CA ASP A 42 -27.49 -48.16 -5.64
C ASP A 42 -26.60 -49.05 -6.51
N CYS A 43 -26.65 -48.84 -7.82
CA CYS A 43 -25.90 -49.67 -8.75
C CYS A 43 -24.94 -48.85 -9.59
N SER A 44 -24.37 -47.79 -9.02
CA SER A 44 -23.48 -46.89 -9.73
C SER A 44 -22.02 -47.22 -9.44
N GLY A 45 -21.15 -46.78 -10.34
CA GLY A 45 -19.72 -46.99 -10.18
C GLY A 45 -19.29 -48.44 -10.24
N LYS A 46 -19.86 -49.22 -11.16
CA LYS A 46 -19.48 -50.61 -11.33
C LYS A 46 -18.94 -50.91 -12.72
N GLY A 47 -18.86 -49.90 -13.59
CA GLY A 47 -18.34 -50.13 -14.93
C GLY A 47 -19.24 -50.94 -15.82
N LEU A 48 -20.52 -51.09 -15.47
CA LEU A 48 -21.43 -51.88 -16.29
C LEU A 48 -21.65 -51.22 -17.63
N THR A 49 -21.82 -52.05 -18.66
CA THR A 49 -22.01 -51.46 -20.00
C THR A 49 -23.48 -51.55 -20.38
N ALA A 50 -24.30 -52.20 -19.56
CA ALA A 50 -25.70 -52.43 -19.88
C ALA A 50 -26.53 -52.34 -18.61
N VAL A 51 -27.84 -52.26 -18.80
CA VAL A 51 -28.76 -52.18 -17.64
C VAL A 51 -28.65 -53.47 -16.83
N PRO A 52 -28.43 -53.39 -15.52
CA PRO A 52 -28.32 -54.61 -14.72
C PRO A 52 -29.62 -55.40 -14.69
N GLU A 53 -29.48 -56.71 -14.56
CA GLU A 53 -30.61 -57.62 -14.49
C GLU A 53 -30.75 -58.17 -13.08
N GLY A 54 -31.86 -58.87 -12.85
CA GLY A 54 -32.14 -59.46 -11.56
C GLY A 54 -32.80 -58.54 -10.55
N LEU A 55 -33.01 -57.27 -10.91
CA LEU A 55 -33.65 -56.34 -9.99
C LEU A 55 -35.16 -56.49 -10.04
N SER A 56 -35.79 -56.35 -8.88
CA SER A 56 -37.24 -56.48 -8.78
C SER A 56 -37.93 -55.34 -9.50
N ALA A 57 -39.09 -55.65 -10.07
CA ALA A 57 -39.89 -54.63 -10.75
C ALA A 57 -40.49 -53.61 -9.79
N PHE A 58 -40.44 -53.88 -8.48
CA PHE A 58 -40.95 -52.96 -7.47
C PHE A 58 -39.99 -51.80 -7.19
N THR A 59 -38.80 -51.81 -7.79
CA THR A 59 -37.83 -50.76 -7.56
C THR A 59 -38.39 -49.40 -7.95
N GLN A 60 -38.14 -48.41 -7.09
CA GLN A 60 -38.63 -47.06 -7.29
C GLN A 60 -37.58 -46.11 -7.86
N ALA A 61 -36.32 -46.26 -7.43
CA ALA A 61 -35.23 -45.40 -7.89
C ALA A 61 -34.03 -46.25 -8.23
N LEU A 62 -33.36 -45.89 -9.33
CA LEU A 62 -32.17 -46.59 -9.80
C LEU A 62 -31.07 -45.58 -10.10
N ASP A 63 -29.87 -45.85 -9.58
CA ASP A 63 -28.71 -45.01 -9.81
C ASP A 63 -27.59 -45.89 -10.36
N ILE A 64 -27.31 -45.77 -11.66
CA ILE A 64 -26.31 -46.57 -12.32
C ILE A 64 -25.25 -45.67 -12.93
N SER A 65 -24.98 -44.54 -12.29
CA SER A 65 -24.01 -43.58 -12.80
C SER A 65 -22.59 -44.15 -12.71
N MET A 66 -21.64 -43.39 -13.25
CA MET A 66 -20.22 -43.75 -13.21
C MET A 66 -19.97 -45.13 -13.83
N ASN A 67 -20.69 -45.42 -14.93
CA ASN A 67 -20.57 -46.76 -15.57
C ASN A 67 -20.12 -46.61 -17.03
N ASN A 68 -20.18 -47.66 -17.85
CA ASN A 68 -19.72 -47.39 -19.25
C ASN A 68 -20.83 -47.71 -20.26
N ILE A 69 -22.09 -47.60 -19.85
CA ILE A 69 -23.24 -47.85 -20.78
C ILE A 69 -23.23 -46.77 -21.87
N THR A 70 -22.78 -47.12 -23.09
CA THR A 70 -22.66 -46.10 -24.15
C THR A 70 -23.84 -46.14 -25.10
N GLN A 71 -24.49 -47.29 -25.26
CA GLN A 71 -25.68 -47.36 -26.10
C GLN A 71 -26.78 -48.09 -25.35
N LEU A 72 -28.00 -47.57 -25.43
CA LEU A 72 -29.14 -48.14 -24.75
C LEU A 72 -30.02 -48.89 -25.74
N PRO A 73 -30.19 -50.19 -25.58
CA PRO A 73 -31.06 -50.95 -26.48
C PRO A 73 -32.53 -50.69 -26.20
N GLU A 74 -33.38 -51.14 -27.12
CA GLU A 74 -34.81 -50.94 -26.99
C GLU A 74 -35.36 -51.69 -25.79
N ASP A 75 -36.23 -51.02 -25.03
CA ASP A 75 -36.87 -51.60 -23.85
C ASP A 75 -35.84 -52.10 -22.85
N ALA A 76 -34.77 -51.32 -22.67
CA ALA A 76 -33.76 -51.67 -21.68
C ALA A 76 -34.27 -51.58 -20.25
N PHE A 77 -35.35 -50.83 -20.02
CA PHE A 77 -35.96 -50.69 -18.71
C PHE A 77 -37.36 -51.27 -18.69
N LYS A 78 -37.56 -52.38 -19.41
CA LYS A 78 -38.89 -52.96 -19.53
C LYS A 78 -39.41 -53.45 -18.19
N ASN A 79 -38.55 -54.10 -17.40
CA ASN A 79 -38.97 -54.73 -16.15
C ASN A 79 -38.80 -53.81 -14.94
N PHE A 80 -38.87 -52.50 -15.13
CA PHE A 80 -38.94 -51.53 -14.03
C PHE A 80 -40.08 -50.55 -14.32
N PRO A 81 -41.33 -51.02 -14.25
CA PRO A 81 -42.45 -50.12 -14.57
C PRO A 81 -42.70 -49.05 -13.52
N PHE A 82 -42.20 -49.22 -12.30
CA PHE A 82 -42.48 -48.30 -11.20
C PHE A 82 -41.28 -47.42 -10.85
N LEU A 83 -40.33 -47.27 -11.77
CA LEU A 83 -39.17 -46.43 -11.52
C LEU A 83 -39.58 -44.95 -11.55
N GLU A 84 -39.16 -44.20 -10.53
CA GLU A 84 -39.43 -42.79 -10.45
C GLU A 84 -38.19 -41.92 -10.60
N GLU A 85 -37.03 -42.42 -10.18
CA GLU A 85 -35.78 -41.66 -10.25
C GLU A 85 -34.74 -42.50 -10.99
N LEU A 86 -34.24 -41.97 -12.10
CA LEU A 86 -33.22 -42.64 -12.89
C LEU A 86 -32.04 -41.71 -13.06
N GLN A 87 -30.83 -42.21 -12.77
CA GLN A 87 -29.61 -41.43 -12.86
C GLN A 87 -28.65 -42.10 -13.84
N LEU A 88 -28.16 -41.32 -14.79
CA LEU A 88 -27.26 -41.82 -15.84
C LEU A 88 -26.03 -40.95 -15.96
N ALA A 89 -25.52 -40.44 -14.84
CA ALA A 89 -24.37 -39.55 -14.87
C ALA A 89 -23.11 -40.30 -15.29
N GLY A 90 -22.29 -39.64 -16.10
CA GLY A 90 -20.96 -40.15 -16.42
C GLY A 90 -20.94 -41.52 -17.02
N ASN A 91 -21.84 -41.81 -17.96
CA ASN A 91 -21.93 -43.12 -18.58
C ASN A 91 -21.37 -43.16 -19.99
N ASP A 92 -20.86 -42.03 -20.49
CA ASP A 92 -20.40 -41.92 -21.87
C ASP A 92 -21.48 -42.35 -22.85
N LEU A 93 -22.72 -41.95 -22.54
CA LEU A 93 -23.85 -42.30 -23.39
C LEU A 93 -23.75 -41.58 -24.72
N SER A 94 -23.99 -42.31 -25.80
CA SER A 94 -23.90 -41.76 -27.15
C SER A 94 -25.18 -41.90 -27.94
N PHE A 95 -25.84 -43.05 -27.87
CA PHE A 95 -27.05 -43.30 -28.63
C PHE A 95 -28.07 -43.99 -27.74
N ILE A 96 -29.31 -43.50 -27.76
CA ILE A 96 -30.41 -44.07 -26.99
C ILE A 96 -31.49 -44.51 -27.97
N HIS A 97 -31.96 -45.75 -27.80
CA HIS A 97 -33.05 -46.22 -28.64
C HIS A 97 -34.30 -45.39 -28.40
N PRO A 98 -35.05 -45.05 -29.45
CA PRO A 98 -36.25 -44.23 -29.27
C PRO A 98 -37.26 -44.86 -28.31
N LYS A 99 -37.37 -46.19 -28.30
CA LYS A 99 -38.30 -46.89 -27.42
C LYS A 99 -37.62 -47.48 -26.20
N ALA A 100 -36.38 -47.06 -25.91
CA ALA A 100 -35.65 -47.62 -24.77
C ALA A 100 -36.34 -47.28 -23.45
N LEU A 101 -36.84 -46.06 -23.33
CA LEU A 101 -37.48 -45.59 -22.09
C LEU A 101 -38.99 -45.79 -22.10
N SER A 102 -39.49 -46.77 -22.86
CA SER A 102 -40.92 -47.03 -22.89
C SER A 102 -41.37 -47.69 -21.60
N GLY A 103 -42.58 -47.33 -21.15
CA GLY A 103 -43.15 -47.89 -19.95
C GLY A 103 -42.82 -47.16 -18.66
N LEU A 104 -41.93 -46.16 -18.72
CA LEU A 104 -41.56 -45.39 -17.53
C LEU A 104 -42.56 -44.24 -17.31
N LYS A 105 -43.81 -44.63 -17.11
CA LYS A 105 -44.87 -43.65 -16.89
C LYS A 105 -44.80 -43.01 -15.50
N GLU A 106 -44.06 -43.59 -14.57
CA GLU A 106 -43.91 -43.04 -13.23
C GLU A 106 -42.59 -42.31 -13.05
N LEU A 107 -41.80 -42.17 -14.11
CA LEU A 107 -40.50 -41.53 -14.00
C LEU A 107 -40.66 -40.04 -13.75
N LYS A 108 -39.93 -39.52 -12.77
CA LYS A 108 -40.00 -38.12 -12.40
C LYS A 108 -38.66 -37.40 -12.51
N VAL A 109 -37.57 -38.03 -12.09
CA VAL A 109 -36.25 -37.43 -12.11
C VAL A 109 -35.39 -38.21 -13.09
N LEU A 110 -34.81 -37.50 -14.06
CA LEU A 110 -33.95 -38.11 -15.07
C LEU A 110 -32.72 -37.23 -15.25
N THR A 111 -31.55 -37.80 -14.96
CA THR A 111 -30.29 -37.08 -15.06
C THR A 111 -29.41 -37.75 -16.11
N LEU A 112 -28.85 -36.96 -17.02
CA LEU A 112 -28.04 -37.47 -18.12
C LEU A 112 -26.79 -36.64 -18.32
N GLN A 113 -26.14 -36.24 -17.23
CA GLN A 113 -24.96 -35.41 -17.33
C GLN A 113 -23.72 -36.24 -17.67
N ASN A 114 -22.71 -35.56 -18.20
CA ASN A 114 -21.40 -36.15 -18.50
C ASN A 114 -21.54 -37.33 -19.46
N ASN A 115 -22.04 -37.03 -20.66
CA ASN A 115 -22.19 -38.02 -21.71
C ASN A 115 -21.92 -37.33 -23.05
N GLN A 116 -22.12 -38.08 -24.14
CA GLN A 116 -21.81 -37.61 -25.48
C GLN A 116 -23.01 -37.74 -26.40
N LEU A 117 -24.16 -37.27 -25.92
CA LEU A 117 -25.37 -37.32 -26.74
C LEU A 117 -25.24 -36.43 -27.98
N LYS A 118 -24.75 -35.20 -27.79
CA LYS A 118 -24.52 -34.22 -28.85
C LYS A 118 -25.83 -33.67 -29.39
N THR A 119 -26.96 -34.27 -29.00
CA THR A 119 -28.28 -33.87 -29.42
C THR A 119 -29.28 -34.30 -28.36
N VAL A 120 -30.36 -33.54 -28.24
CA VAL A 120 -31.42 -33.89 -27.31
C VAL A 120 -32.19 -35.08 -27.87
N PRO A 121 -32.26 -36.20 -27.16
CA PRO A 121 -33.02 -37.34 -27.68
C PRO A 121 -34.52 -37.12 -27.57
N SER A 122 -35.08 -36.35 -28.51
CA SER A 122 -36.49 -36.01 -28.47
C SER A 122 -37.36 -37.25 -28.58
N GLU A 123 -37.00 -38.18 -29.47
CA GLU A 123 -37.81 -39.38 -29.66
C GLU A 123 -37.82 -40.25 -28.42
N ALA A 124 -36.68 -40.35 -27.73
CA ALA A 124 -36.61 -41.22 -26.55
C ALA A 124 -37.41 -40.67 -25.39
N ILE A 125 -37.46 -39.36 -25.22
CA ILE A 125 -38.12 -38.73 -24.09
C ILE A 125 -39.53 -38.27 -24.43
N ARG A 126 -40.08 -38.73 -25.56
CA ARG A 126 -41.40 -38.28 -25.98
C ARG A 126 -42.49 -38.80 -25.04
N GLY A 127 -42.37 -40.04 -24.57
CA GLY A 127 -43.39 -40.67 -23.78
C GLY A 127 -43.33 -40.43 -22.28
N LEU A 128 -42.46 -39.55 -21.81
CA LEU A 128 -42.30 -39.30 -20.37
C LEU A 128 -43.32 -38.26 -19.94
N SER A 129 -44.52 -38.73 -19.59
CA SER A 129 -45.59 -37.83 -19.21
C SER A 129 -45.40 -37.26 -17.81
N ALA A 130 -44.90 -38.07 -16.87
CA ALA A 130 -44.78 -37.67 -15.48
C ALA A 130 -43.40 -37.11 -15.14
N LEU A 131 -42.53 -36.96 -16.14
CA LEU A 131 -41.19 -36.45 -15.88
C LEU A 131 -41.24 -35.03 -15.35
N GLN A 132 -40.43 -34.76 -14.32
CA GLN A 132 -40.40 -33.46 -13.67
C GLN A 132 -39.07 -32.75 -13.80
N SER A 133 -37.96 -33.44 -13.56
CA SER A 133 -36.63 -32.84 -13.63
C SER A 133 -35.81 -33.54 -14.70
N LEU A 134 -35.26 -32.75 -15.61
CA LEU A 134 -34.43 -33.27 -16.70
C LEU A 134 -33.07 -32.57 -16.65
N ARG A 135 -32.01 -33.35 -16.55
CA ARG A 135 -30.65 -32.83 -16.47
C ARG A 135 -29.91 -33.24 -17.74
N LEU A 136 -29.54 -32.26 -18.55
CA LEU A 136 -28.84 -32.53 -19.81
C LEU A 136 -27.56 -31.72 -19.95
N ASP A 137 -26.98 -31.29 -18.84
CA ASP A 137 -25.75 -30.51 -18.93
C ASP A 137 -24.54 -31.41 -19.19
N ALA A 138 -23.49 -30.79 -19.75
CA ALA A 138 -22.24 -31.49 -20.09
C ALA A 138 -22.51 -32.65 -21.04
N ASN A 139 -22.98 -32.30 -22.24
CA ASN A 139 -23.28 -33.31 -23.25
C ASN A 139 -22.87 -32.90 -24.66
N HIS A 140 -22.24 -31.73 -24.82
CA HIS A 140 -21.80 -31.25 -26.13
C HIS A 140 -22.95 -31.16 -27.13
N ILE A 141 -24.13 -30.75 -26.66
CA ILE A 141 -25.28 -30.61 -27.55
C ILE A 141 -25.10 -29.35 -28.39
N THR A 142 -25.20 -29.50 -29.71
CA THR A 142 -25.05 -28.38 -30.63
C THR A 142 -26.35 -27.90 -31.26
N SER A 143 -27.39 -28.73 -31.24
CA SER A 143 -28.67 -28.35 -31.83
C SER A 143 -29.78 -29.11 -31.13
N VAL A 144 -31.00 -28.61 -31.30
CA VAL A 144 -32.17 -29.22 -30.67
C VAL A 144 -33.29 -29.33 -31.70
N PRO A 145 -33.89 -30.52 -31.88
CA PRO A 145 -35.01 -30.64 -32.80
C PRO A 145 -36.20 -29.81 -32.34
N GLU A 146 -36.97 -29.32 -33.32
CA GLU A 146 -38.10 -28.45 -33.02
C GLU A 146 -39.19 -29.19 -32.26
N ASP A 147 -39.32 -30.49 -32.46
CA ASP A 147 -40.37 -31.28 -31.82
C ASP A 147 -39.95 -31.80 -30.45
N SER A 148 -38.78 -31.39 -29.95
CA SER A 148 -38.30 -31.88 -28.68
C SER A 148 -39.18 -31.40 -27.53
N PHE A 149 -39.15 -32.14 -26.43
CA PHE A 149 -39.85 -31.88 -25.18
C PHE A 149 -41.36 -32.00 -25.31
N GLU A 150 -41.88 -32.48 -26.43
CA GLU A 150 -43.31 -32.72 -26.55
C GLU A 150 -43.72 -33.87 -25.64
N GLY A 151 -44.84 -33.69 -24.94
CA GLY A 151 -45.29 -34.65 -23.96
C GLY A 151 -44.78 -34.43 -22.55
N LEU A 152 -43.85 -33.50 -22.36
CA LEU A 152 -43.32 -33.19 -21.04
C LEU A 152 -44.18 -32.10 -20.39
N VAL A 153 -45.41 -32.49 -20.06
CA VAL A 153 -46.35 -31.55 -19.45
C VAL A 153 -46.13 -31.38 -17.95
N GLN A 154 -45.36 -32.26 -17.32
CA GLN A 154 -45.09 -32.20 -15.89
C GLN A 154 -43.70 -31.66 -15.57
N LEU A 155 -42.99 -31.12 -16.56
CA LEU A 155 -41.64 -30.64 -16.33
C LEU A 155 -41.64 -29.39 -15.45
N ARG A 156 -40.69 -29.33 -14.53
CA ARG A 156 -40.52 -28.18 -13.66
C ARG A 156 -39.11 -27.61 -13.69
N HIS A 157 -38.09 -28.46 -13.78
CA HIS A 157 -36.70 -28.02 -13.85
C HIS A 157 -36.04 -28.63 -15.08
N LEU A 158 -35.22 -27.83 -15.75
CA LEU A 158 -34.50 -28.27 -16.93
C LEU A 158 -33.09 -27.71 -16.90
N TRP A 159 -32.09 -28.58 -17.03
CA TRP A 159 -30.69 -28.18 -17.02
C TRP A 159 -30.10 -28.41 -18.40
N LEU A 160 -29.56 -27.35 -19.00
CA LEU A 160 -28.97 -27.44 -20.33
C LEU A 160 -27.67 -26.67 -20.44
N ASP A 161 -26.86 -26.66 -19.38
CA ASP A 161 -25.61 -25.93 -19.40
C ASP A 161 -24.47 -26.81 -19.93
N ASP A 162 -23.29 -26.21 -20.03
CA ASP A 162 -22.08 -26.91 -20.48
C ASP A 162 -22.30 -27.61 -21.82
N ASN A 163 -22.80 -26.85 -22.79
CA ASN A 163 -23.03 -27.39 -24.12
C ASN A 163 -22.59 -26.41 -25.20
N SER A 164 -22.94 -26.70 -26.45
CA SER A 164 -22.55 -25.88 -27.58
C SER A 164 -23.78 -25.33 -28.30
N LEU A 165 -24.77 -24.91 -27.54
CA LEU A 165 -25.95 -24.27 -28.14
C LEU A 165 -25.56 -22.92 -28.72
N THR A 166 -26.19 -22.57 -29.84
CA THR A 166 -25.95 -21.28 -30.49
C THR A 166 -27.19 -20.43 -30.61
N GLU A 167 -28.37 -20.96 -30.32
CA GLU A 167 -29.61 -20.18 -30.37
C GLU A 167 -30.56 -20.71 -29.32
N VAL A 168 -31.48 -19.85 -28.90
CA VAL A 168 -32.47 -20.23 -27.89
C VAL A 168 -33.54 -21.08 -28.54
N PRO A 169 -33.81 -22.28 -28.04
CA PRO A 169 -34.85 -23.13 -28.66
C PRO A 169 -36.25 -22.63 -28.34
N VAL A 170 -36.73 -21.66 -29.10
CA VAL A 170 -38.00 -21.01 -28.80
C VAL A 170 -39.14 -22.02 -28.87
N HIS A 171 -39.27 -22.68 -30.02
CA HIS A 171 -40.39 -23.64 -30.21
C HIS A 171 -40.28 -24.80 -29.21
N PRO A 172 -39.13 -25.51 -29.05
CA PRO A 172 -39.08 -26.60 -28.06
C PRO A 172 -39.42 -26.16 -26.65
N LEU A 173 -39.01 -24.96 -26.25
CA LEU A 173 -39.35 -24.46 -24.93
C LEU A 173 -40.79 -23.98 -24.83
N SER A 174 -41.44 -23.72 -25.96
CA SER A 174 -42.82 -23.26 -25.95
C SER A 174 -43.80 -24.35 -25.49
N ASN A 175 -43.35 -25.60 -25.39
CA ASN A 175 -44.21 -26.71 -25.01
C ASN A 175 -44.05 -27.10 -23.54
N LEU A 176 -43.58 -26.19 -22.70
CA LEU A 176 -43.38 -26.44 -21.28
C LEU A 176 -44.05 -25.35 -20.46
N PRO A 177 -45.38 -25.36 -20.40
CA PRO A 177 -46.07 -24.34 -19.59
C PRO A 177 -45.80 -24.45 -18.10
N THR A 178 -45.48 -25.64 -17.61
CA THR A 178 -45.29 -25.86 -16.18
C THR A 178 -43.85 -25.72 -15.73
N LEU A 179 -42.96 -25.28 -16.61
CA LEU A 179 -41.56 -25.14 -16.24
C LEU A 179 -41.38 -24.08 -15.15
N GLN A 180 -40.43 -24.32 -14.26
CA GLN A 180 -40.15 -23.41 -13.15
C GLN A 180 -38.71 -22.95 -13.11
N ALA A 181 -37.75 -23.82 -13.40
CA ALA A 181 -36.33 -23.48 -13.37
C ALA A 181 -35.69 -23.91 -14.68
N LEU A 182 -34.99 -22.98 -15.33
CA LEU A 182 -34.32 -23.24 -16.59
C LEU A 182 -32.92 -22.64 -16.54
N THR A 183 -31.92 -23.46 -16.83
CA THR A 183 -30.52 -23.03 -16.81
C THR A 183 -29.92 -23.26 -18.20
N LEU A 184 -29.33 -22.22 -18.76
CA LEU A 184 -28.66 -22.28 -20.05
C LEU A 184 -27.24 -21.73 -19.98
N ALA A 185 -26.59 -21.91 -18.84
CA ALA A 185 -25.27 -21.34 -18.63
C ALA A 185 -24.23 -22.04 -19.49
N LEU A 186 -23.09 -21.38 -19.66
CA LEU A 186 -21.92 -21.96 -20.31
C LEU A 186 -22.26 -22.55 -21.68
N ASN A 187 -22.73 -21.66 -22.56
CA ASN A 187 -23.06 -22.04 -23.93
C ASN A 187 -22.55 -20.95 -24.86
N LYS A 188 -22.90 -21.08 -26.15
CA LYS A 188 -22.49 -20.13 -27.17
C LYS A 188 -23.68 -19.36 -27.72
N ILE A 189 -24.65 -19.03 -26.86
CA ILE A 189 -25.80 -18.25 -27.29
C ILE A 189 -25.36 -16.82 -27.54
N SER A 190 -25.72 -16.28 -28.70
CA SER A 190 -25.30 -14.94 -29.10
C SER A 190 -26.38 -13.87 -28.95
N SER A 191 -27.63 -14.20 -29.24
CA SER A 191 -28.71 -13.23 -29.14
C SER A 191 -30.01 -13.95 -28.85
N ILE A 192 -31.00 -13.19 -28.37
CA ILE A 192 -32.30 -13.72 -28.03
C ILE A 192 -33.37 -12.94 -28.80
N PRO A 193 -34.16 -13.58 -29.64
CA PRO A 193 -35.17 -12.86 -30.42
C PRO A 193 -36.40 -12.56 -29.58
N ASP A 194 -37.37 -11.88 -30.20
CA ASP A 194 -38.59 -11.50 -29.52
C ASP A 194 -39.43 -12.72 -29.18
N PHE A 195 -40.07 -12.68 -28.01
CA PHE A 195 -41.00 -13.72 -27.56
C PHE A 195 -40.35 -15.10 -27.54
N ALA A 196 -39.09 -15.17 -27.12
CA ALA A 196 -38.43 -16.47 -27.03
C ALA A 196 -39.01 -17.34 -25.93
N PHE A 197 -39.53 -16.72 -24.87
CA PHE A 197 -40.11 -17.43 -23.73
C PHE A 197 -41.55 -17.00 -23.52
N THR A 198 -42.29 -16.84 -24.62
CA THR A 198 -43.65 -16.27 -24.55
C THR A 198 -44.61 -17.32 -24.05
N ASN A 199 -44.11 -18.46 -23.60
CA ASN A 199 -45.00 -19.55 -23.10
C ASN A 199 -44.67 -19.87 -21.64
N LEU A 200 -43.45 -19.56 -21.21
CA LEU A 200 -42.96 -19.96 -19.86
C LEU A 200 -43.69 -19.12 -18.79
N SER A 201 -45.02 -19.18 -18.76
CA SER A 201 -45.80 -18.39 -17.81
C SER A 201 -45.50 -18.77 -16.37
N SER A 202 -45.02 -19.98 -16.12
CA SER A 202 -44.76 -20.46 -14.77
C SER A 202 -43.28 -20.39 -14.40
N LEU A 203 -42.45 -19.75 -15.22
CA LEU A 203 -41.03 -19.69 -14.93
C LEU A 203 -40.76 -18.89 -13.67
N VAL A 204 -39.81 -19.34 -12.88
CA VAL A 204 -39.43 -18.70 -11.62
C VAL A 204 -38.01 -18.16 -11.68
N VAL A 205 -37.04 -18.99 -12.03
CA VAL A 205 -35.65 -18.61 -12.09
C VAL A 205 -35.08 -19.01 -13.44
N LEU A 206 -34.39 -18.07 -14.11
CA LEU A 206 -33.76 -18.32 -15.38
C LEU A 206 -32.29 -17.92 -15.30
N HIS A 207 -31.41 -18.84 -15.68
CA HIS A 207 -29.97 -18.60 -15.60
C HIS A 207 -29.39 -18.56 -17.02
N LEU A 208 -28.61 -17.51 -17.30
CA LEU A 208 -27.99 -17.34 -18.60
C LEU A 208 -26.54 -16.88 -18.47
N HIS A 209 -25.92 -17.07 -17.31
CA HIS A 209 -24.58 -16.54 -17.08
C HIS A 209 -23.55 -17.33 -17.87
N ASN A 210 -22.42 -16.67 -18.15
CA ASN A 210 -21.31 -17.24 -18.91
C ASN A 210 -21.76 -17.66 -20.31
N ASN A 211 -22.21 -16.66 -21.08
CA ASN A 211 -22.60 -16.89 -22.46
C ASN A 211 -22.01 -15.80 -23.35
N LYS A 212 -22.41 -15.77 -24.62
CA LYS A 212 -21.94 -14.76 -25.56
C LYS A 212 -23.06 -13.82 -26.00
N ILE A 213 -23.99 -13.51 -25.08
CA ILE A 213 -25.11 -12.64 -25.43
C ILE A 213 -24.60 -11.21 -25.60
N ARG A 214 -24.95 -10.61 -26.74
CA ARG A 214 -24.54 -9.25 -27.03
C ARG A 214 -25.70 -8.33 -27.39
N SER A 215 -26.89 -8.86 -27.67
CA SER A 215 -28.01 -8.04 -28.06
C SER A 215 -29.30 -8.69 -27.57
N LEU A 216 -30.10 -7.93 -26.83
CA LEU A 216 -31.39 -8.38 -26.35
C LEU A 216 -32.49 -7.57 -27.03
N SER A 217 -33.45 -8.26 -27.63
CA SER A 217 -34.55 -7.58 -28.31
C SER A 217 -35.50 -6.97 -27.29
N GLN A 218 -36.36 -6.07 -27.78
CA GLN A 218 -37.24 -5.30 -26.90
C GLN A 218 -38.24 -6.20 -26.18
N HIS A 219 -38.77 -7.22 -26.85
CA HIS A 219 -39.81 -8.07 -26.29
C HIS A 219 -39.34 -9.51 -26.11
N CYS A 220 -38.05 -9.70 -25.82
CA CYS A 220 -37.53 -11.05 -25.64
C CYS A 220 -38.04 -11.69 -24.35
N PHE A 221 -38.30 -10.89 -23.32
CA PHE A 221 -38.71 -11.41 -22.02
C PHE A 221 -40.20 -11.28 -21.77
N ASP A 222 -40.99 -10.99 -22.79
CA ASP A 222 -42.42 -10.82 -22.61
C ASP A 222 -43.08 -12.14 -22.22
N GLY A 223 -44.01 -12.06 -21.26
CA GLY A 223 -44.74 -13.21 -20.80
C GLY A 223 -44.21 -13.82 -19.51
N LEU A 224 -43.00 -13.45 -19.10
CA LEU A 224 -42.41 -14.00 -17.88
C LEU A 224 -42.87 -13.21 -16.65
N ASP A 225 -44.19 -13.20 -16.46
CA ASP A 225 -44.77 -12.44 -15.35
C ASP A 225 -44.44 -13.05 -13.99
N ASN A 226 -44.13 -14.34 -13.94
CA ASN A 226 -43.82 -15.00 -12.68
C ASN A 226 -42.33 -15.12 -12.42
N LEU A 227 -41.48 -14.55 -13.27
CA LEU A 227 -40.04 -14.66 -13.08
C LEU A 227 -39.60 -13.87 -11.86
N GLU A 228 -38.68 -14.45 -11.09
CA GLU A 228 -38.16 -13.81 -9.90
C GLU A 228 -36.65 -13.61 -9.92
N THR A 229 -35.89 -14.54 -10.49
CA THR A 229 -34.43 -14.46 -10.52
C THR A 229 -33.95 -14.53 -11.96
N LEU A 230 -33.13 -13.57 -12.36
CA LEU A 230 -32.54 -13.55 -13.69
C LEU A 230 -31.04 -13.34 -13.55
N ASP A 231 -30.25 -14.19 -14.20
CA ASP A 231 -28.80 -14.15 -14.12
C ASP A 231 -28.24 -13.94 -15.51
N LEU A 232 -27.57 -12.80 -15.73
CA LEU A 232 -26.98 -12.46 -17.01
C LEU A 232 -25.50 -12.11 -16.88
N ASN A 233 -24.82 -12.73 -15.93
CA ASN A 233 -23.41 -12.44 -15.71
C ASN A 233 -22.56 -12.99 -16.85
N TYR A 234 -21.38 -12.37 -17.04
CA TYR A 234 -20.39 -12.83 -18.00
C TYR A 234 -20.97 -12.90 -19.40
N ASN A 235 -21.35 -11.74 -19.93
CA ASN A 235 -21.90 -11.63 -21.27
C ASN A 235 -21.31 -10.38 -21.92
N ASN A 236 -21.79 -10.07 -23.12
CA ASN A 236 -21.30 -8.95 -23.90
C ASN A 236 -22.39 -7.91 -24.13
N LEU A 237 -23.16 -7.61 -23.08
CA LEU A 237 -24.20 -6.59 -23.19
C LEU A 237 -23.56 -5.21 -23.23
N GLY A 238 -23.65 -4.54 -24.37
CA GLY A 238 -23.07 -3.22 -24.51
C GLY A 238 -24.04 -2.10 -24.15
N GLU A 239 -25.32 -2.43 -24.09
CA GLU A 239 -26.35 -1.46 -23.74
C GLU A 239 -27.30 -2.08 -22.72
N PHE A 240 -27.81 -1.24 -21.82
CA PHE A 240 -28.75 -1.73 -20.83
C PHE A 240 -30.02 -2.24 -21.50
N PRO A 241 -30.49 -3.44 -21.18
CA PRO A 241 -31.66 -4.00 -21.88
C PRO A 241 -32.94 -3.32 -21.42
N GLN A 242 -33.79 -2.96 -22.39
CA GLN A 242 -35.10 -2.42 -22.08
C GLN A 242 -36.16 -3.50 -21.93
N ALA A 243 -35.83 -4.76 -22.20
CA ALA A 243 -36.83 -5.82 -22.13
C ALA A 243 -37.18 -6.20 -20.71
N ILE A 244 -36.38 -5.81 -19.72
CA ILE A 244 -36.62 -6.19 -18.34
C ILE A 244 -37.77 -5.38 -17.76
N LYS A 245 -38.28 -4.42 -18.53
CA LYS A 245 -39.40 -3.61 -18.08
C LYS A 245 -40.70 -4.39 -18.00
N ALA A 246 -40.75 -5.61 -18.54
CA ALA A 246 -41.95 -6.43 -18.52
C ALA A 246 -41.87 -7.57 -17.50
N LEU A 247 -41.14 -7.37 -16.40
CA LEU A 247 -40.97 -8.38 -15.36
C LEU A 247 -41.41 -7.78 -14.03
N PRO A 248 -42.72 -7.69 -13.78
CA PRO A 248 -43.18 -7.08 -12.53
C PRO A 248 -42.80 -7.85 -11.28
N SER A 249 -42.48 -9.14 -11.38
CA SER A 249 -42.20 -9.97 -10.22
C SER A 249 -40.71 -10.22 -10.01
N LEU A 250 -39.84 -9.48 -10.71
CA LEU A 250 -38.41 -9.69 -10.56
C LEU A 250 -37.96 -9.34 -9.15
N LYS A 251 -37.07 -10.17 -8.61
CA LYS A 251 -36.51 -9.93 -7.28
C LYS A 251 -35.00 -9.87 -7.27
N GLU A 252 -34.32 -10.72 -8.04
CA GLU A 252 -32.87 -10.72 -8.12
C GLU A 252 -32.46 -10.56 -9.58
N LEU A 253 -31.62 -9.57 -9.85
CA LEU A 253 -31.11 -9.31 -11.19
C LEU A 253 -29.61 -9.15 -11.13
N GLY A 254 -28.90 -9.94 -11.93
CA GLY A 254 -27.46 -9.86 -11.96
C GLY A 254 -26.88 -9.84 -13.37
N PHE A 255 -26.20 -8.76 -13.71
CA PHE A 255 -25.56 -8.64 -15.01
C PHE A 255 -24.12 -8.14 -14.88
N HIS A 256 -23.48 -8.45 -13.76
CA HIS A 256 -22.11 -8.02 -13.56
C HIS A 256 -21.17 -8.74 -14.53
N SER A 257 -19.96 -8.19 -14.67
CA SER A 257 -18.96 -8.69 -15.62
C SER A 257 -19.52 -8.64 -17.05
N ASN A 258 -19.80 -7.44 -17.50
CA ASN A 258 -20.38 -7.21 -18.82
C ASN A 258 -19.73 -5.97 -19.42
N SER A 259 -20.32 -5.46 -20.49
CA SER A 259 -19.82 -4.29 -21.20
C SER A 259 -20.80 -3.11 -21.09
N ILE A 260 -21.66 -3.13 -20.07
CA ILE A 260 -22.63 -2.07 -19.89
C ILE A 260 -21.91 -0.83 -19.35
N SER A 261 -22.17 0.32 -19.97
CA SER A 261 -21.54 1.56 -19.58
C SER A 261 -22.50 2.63 -19.10
N VAL A 262 -23.76 2.62 -19.57
CA VAL A 262 -24.73 3.65 -19.23
C VAL A 262 -26.01 2.98 -18.76
N ILE A 263 -26.52 3.42 -17.60
CA ILE A 263 -27.81 2.96 -17.09
C ILE A 263 -28.76 4.15 -17.08
N PRO A 264 -29.66 4.26 -18.05
CA PRO A 264 -30.48 5.47 -18.17
C PRO A 264 -31.59 5.50 -17.13
N ASP A 265 -32.22 6.68 -17.04
CA ASP A 265 -33.34 6.87 -16.13
C ASP A 265 -34.52 6.01 -16.53
N GLY A 266 -35.27 5.56 -15.54
CA GLY A 266 -36.44 4.74 -15.79
C GLY A 266 -36.15 3.30 -16.14
N ALA A 267 -34.91 2.84 -15.95
CA ALA A 267 -34.56 1.46 -16.28
C ALA A 267 -35.33 0.48 -15.41
N PHE A 268 -35.49 0.80 -14.12
CA PHE A 268 -36.17 -0.08 -13.17
C PHE A 268 -37.57 0.40 -12.84
N ASP A 269 -38.26 0.97 -13.83
CA ASP A 269 -39.65 1.41 -13.59
C ASP A 269 -40.60 0.23 -13.53
N GLY A 270 -40.42 -0.75 -14.41
CA GLY A 270 -41.30 -1.90 -14.47
C GLY A 270 -41.03 -2.99 -13.48
N ASN A 271 -39.99 -2.85 -12.65
CA ASN A 271 -39.62 -3.87 -11.67
C ASN A 271 -39.52 -3.21 -10.31
N PRO A 272 -40.61 -3.17 -9.55
CA PRO A 272 -40.59 -2.50 -8.24
C PRO A 272 -40.20 -3.41 -7.08
N LEU A 273 -39.76 -4.64 -7.33
CA LEU A 273 -39.56 -5.62 -6.27
C LEU A 273 -38.16 -6.22 -6.25
N LEU A 274 -37.15 -5.46 -6.70
CA LEU A 274 -35.79 -5.97 -6.64
C LEU A 274 -35.29 -6.00 -5.20
N ARG A 275 -34.35 -6.90 -4.94
CA ARG A 275 -33.66 -6.96 -3.65
C ARG A 275 -32.16 -6.85 -3.78
N THR A 276 -31.56 -7.39 -4.84
CA THR A 276 -30.12 -7.31 -5.03
C THR A 276 -29.83 -7.07 -6.51
N ILE A 277 -28.93 -6.13 -6.79
CA ILE A 277 -28.51 -5.82 -8.14
C ILE A 277 -27.01 -5.99 -8.22
N HIS A 278 -26.55 -6.84 -9.14
CA HIS A 278 -25.13 -7.09 -9.35
C HIS A 278 -24.71 -6.37 -10.62
N LEU A 279 -23.85 -5.35 -10.47
CA LEU A 279 -23.39 -4.60 -11.63
C LEU A 279 -21.89 -4.27 -11.56
N TYR A 280 -21.14 -4.95 -10.69
CA TYR A 280 -19.71 -4.69 -10.59
C TYR A 280 -18.99 -5.26 -11.81
N ASP A 281 -17.70 -4.93 -11.91
CA ASP A 281 -16.84 -5.37 -13.01
C ASP A 281 -17.43 -4.97 -14.36
N ASN A 282 -17.86 -3.72 -14.46
CA ASN A 282 -18.45 -3.17 -15.67
C ASN A 282 -17.80 -1.85 -16.00
N PRO A 283 -17.73 -1.49 -17.29
CA PRO A 283 -17.23 -0.17 -17.71
C PRO A 283 -18.24 0.94 -17.47
N LEU A 284 -18.79 0.98 -16.26
CA LEU A 284 -19.85 1.91 -15.92
C LEU A 284 -19.28 3.33 -15.80
N SER A 285 -19.75 4.22 -16.66
CA SER A 285 -19.28 5.61 -16.67
C SER A 285 -20.35 6.60 -16.25
N PHE A 286 -21.57 6.48 -16.79
CA PHE A 286 -22.66 7.38 -16.47
C PHE A 286 -23.85 6.58 -15.95
N VAL A 287 -24.50 7.11 -14.92
CA VAL A 287 -25.68 6.49 -14.32
C VAL A 287 -26.79 7.52 -14.30
N GLY A 288 -28.00 7.10 -14.68
CA GLY A 288 -29.13 8.01 -14.65
C GLY A 288 -29.38 8.54 -13.25
N ASN A 289 -29.77 9.80 -13.18
CA ASN A 289 -29.91 10.38 -11.84
C ASN A 289 -31.01 9.61 -11.15
N SER A 290 -32.07 9.26 -11.87
CA SER A 290 -33.31 8.86 -11.18
C SER A 290 -33.38 7.33 -11.12
N ALA A 291 -32.44 6.70 -11.78
CA ALA A 291 -32.53 5.29 -12.16
C ALA A 291 -32.92 4.41 -10.98
N PHE A 292 -32.45 4.75 -9.78
CA PHE A 292 -32.58 3.88 -8.63
C PHE A 292 -33.69 4.32 -7.66
N HIS A 293 -34.59 5.17 -8.15
CA HIS A 293 -35.81 5.62 -7.44
C HIS A 293 -36.67 4.45 -6.99
N ASN A 294 -37.66 4.74 -6.16
CA ASN A 294 -38.78 3.81 -5.83
C ASN A 294 -38.35 2.35 -6.02
N LEU A 295 -37.25 1.96 -5.37
CA LEU A 295 -36.79 0.55 -5.45
C LEU A 295 -36.98 -0.06 -4.06
N SER A 296 -38.24 -0.37 -3.71
CA SER A 296 -38.53 -1.02 -2.41
C SER A 296 -37.71 -2.30 -2.29
N ASP A 297 -37.30 -2.67 -1.07
CA ASP A 297 -36.52 -3.92 -0.82
C ASP A 297 -35.09 -3.79 -1.37
N LEU A 298 -34.78 -2.75 -2.14
CA LEU A 298 -33.36 -2.58 -2.56
C LEU A 298 -32.52 -2.58 -1.28
N HIS A 299 -31.81 -3.69 -1.03
CA HIS A 299 -31.04 -3.82 0.19
C HIS A 299 -29.59 -3.40 0.05
N SER A 300 -29.09 -3.18 -1.16
CA SER A 300 -27.70 -2.79 -1.35
C SER A 300 -27.55 -2.07 -2.67
N LEU A 301 -26.59 -1.14 -2.74
CA LEU A 301 -26.31 -0.39 -3.95
C LEU A 301 -24.84 -0.01 -3.94
N VAL A 302 -24.08 -0.59 -4.86
CA VAL A 302 -22.65 -0.34 -4.97
C VAL A 302 -22.34 0.07 -6.41
N ILE A 303 -21.85 1.29 -6.59
CA ILE A 303 -21.48 1.81 -7.90
C ILE A 303 -20.04 2.31 -7.83
N ARG A 304 -19.20 1.80 -8.72
CA ARG A 304 -17.79 2.18 -8.76
C ARG A 304 -17.41 2.53 -10.20
N GLY A 305 -16.57 3.56 -10.35
CA GLY A 305 -16.06 3.95 -11.64
C GLY A 305 -16.95 4.85 -12.45
N ALA A 306 -18.11 5.25 -11.92
CA ALA A 306 -19.04 6.11 -12.65
C ALA A 306 -18.47 7.53 -12.67
N SER A 307 -17.49 7.73 -13.55
CA SER A 307 -16.76 8.99 -13.58
C SER A 307 -17.60 10.15 -14.11
N MET A 308 -18.65 9.88 -14.86
CA MET A 308 -19.45 10.95 -15.44
C MET A 308 -20.52 11.47 -14.51
N VAL A 309 -20.82 10.77 -13.42
CA VAL A 309 -21.86 11.21 -12.50
C VAL A 309 -21.35 12.40 -11.70
N GLN A 310 -22.15 13.48 -11.68
CA GLN A 310 -21.80 14.69 -10.96
C GLN A 310 -22.79 15.03 -9.84
N GLN A 311 -24.01 14.52 -9.89
CA GLN A 311 -25.03 14.83 -8.89
C GLN A 311 -25.36 13.57 -8.11
N PHE A 312 -25.65 13.75 -6.82
CA PHE A 312 -26.01 12.62 -5.98
C PHE A 312 -27.32 12.01 -6.48
N PRO A 313 -27.45 10.66 -6.62
CA PRO A 313 -28.71 10.03 -7.17
C PRO A 313 -29.90 10.23 -6.25
N ASN A 314 -31.11 9.86 -6.68
CA ASN A 314 -32.33 10.30 -5.98
C ASN A 314 -32.68 9.38 -4.83
N LEU A 315 -32.38 8.11 -4.96
CA LEU A 315 -32.48 7.20 -3.79
C LEU A 315 -33.77 7.51 -3.01
N THR A 316 -34.78 8.04 -3.70
CA THR A 316 -36.07 8.35 -3.05
C THR A 316 -36.96 7.14 -3.19
N GLY A 317 -37.98 7.02 -2.35
CA GLY A 317 -38.82 5.81 -2.37
C GLY A 317 -37.95 4.59 -2.11
N THR A 318 -36.72 4.81 -1.66
CA THR A 318 -35.83 3.70 -1.32
C THR A 318 -35.31 3.94 0.09
N VAL A 319 -35.97 3.31 1.07
CA VAL A 319 -35.66 3.56 2.47
C VAL A 319 -35.29 2.25 3.16
N HIS A 320 -34.72 1.31 2.41
CA HIS A 320 -34.30 0.03 2.97
C HIS A 320 -32.87 -0.32 2.54
N LEU A 321 -32.07 0.70 2.23
CA LEU A 321 -30.68 0.45 1.87
C LEU A 321 -29.88 0.08 3.11
N GLU A 322 -29.19 -1.06 3.04
CA GLU A 322 -28.32 -1.47 4.12
C GLU A 322 -26.87 -1.07 3.89
N SER A 323 -26.46 -0.96 2.63
CA SER A 323 -25.11 -0.54 2.28
C SER A 323 -25.16 0.33 1.03
N LEU A 324 -24.41 1.43 1.06
CA LEU A 324 -24.34 2.36 -0.06
C LEU A 324 -22.89 2.64 -0.39
N THR A 325 -22.56 2.64 -1.68
CA THR A 325 -21.17 2.82 -2.12
C THR A 325 -21.17 3.56 -3.44
N LEU A 326 -20.54 4.73 -3.48
CA LEU A 326 -20.42 5.54 -4.69
C LEU A 326 -18.99 6.06 -4.75
N THR A 327 -18.14 5.41 -5.55
CA THR A 327 -16.75 5.78 -5.67
C THR A 327 -16.42 6.13 -7.12
N GLY A 328 -15.39 6.94 -7.29
CA GLY A 328 -14.93 7.32 -8.61
C GLY A 328 -15.92 8.16 -9.40
N THR A 329 -16.58 9.11 -8.75
CA THR A 329 -17.55 9.99 -9.40
C THR A 329 -17.10 11.44 -9.23
N LYS A 330 -17.98 12.36 -9.65
CA LYS A 330 -17.74 13.79 -9.49
C LYS A 330 -18.77 14.42 -8.56
N ILE A 331 -19.29 13.65 -7.61
CA ILE A 331 -20.26 14.17 -6.66
C ILE A 331 -19.58 15.15 -5.72
N SER A 332 -20.18 16.33 -5.56
CA SER A 332 -19.64 17.36 -4.69
C SER A 332 -20.54 17.72 -3.52
N SER A 333 -21.80 17.30 -3.53
CA SER A 333 -22.74 17.65 -2.48
C SER A 333 -23.51 16.41 -2.05
N ILE A 334 -23.75 16.30 -0.75
CA ILE A 334 -24.53 15.20 -0.17
C ILE A 334 -25.82 15.79 0.39
N PRO A 335 -26.99 15.27 0.04
CA PRO A 335 -28.24 15.84 0.54
C PRO A 335 -28.36 15.70 2.05
N ASN A 336 -29.03 16.69 2.65
CA ASN A 336 -29.21 16.67 4.10
C ASN A 336 -30.15 15.56 4.55
N ASN A 337 -31.14 15.22 3.74
CA ASN A 337 -32.13 14.20 4.09
C ASN A 337 -31.60 12.79 4.00
N LEU A 338 -30.29 12.61 3.81
CA LEU A 338 -29.72 11.26 3.72
C LEU A 338 -29.94 10.49 5.00
N CYS A 339 -29.71 11.13 6.15
CA CYS A 339 -29.90 10.49 7.45
C CYS A 339 -31.33 10.61 7.97
N GLN A 340 -32.19 11.35 7.27
CA GLN A 340 -33.59 11.44 7.64
C GLN A 340 -34.49 10.53 6.82
N GLU A 341 -34.01 10.03 5.68
CA GLU A 341 -34.76 9.10 4.84
C GLU A 341 -34.32 7.66 5.04
N GLN A 342 -33.01 7.39 5.00
CA GLN A 342 -32.52 6.04 5.19
C GLN A 342 -32.67 5.62 6.64
N LYS A 343 -33.26 4.43 6.86
CA LYS A 343 -33.51 3.93 8.19
C LYS A 343 -32.50 2.88 8.62
N MET A 344 -32.29 1.85 7.79
CA MET A 344 -31.40 0.74 8.11
C MET A 344 -30.06 0.86 7.39
N LEU A 345 -29.58 2.08 7.23
CA LEU A 345 -28.27 2.29 6.63
C LEU A 345 -27.19 1.83 7.60
N ARG A 346 -26.42 0.82 7.20
CA ARG A 346 -25.41 0.23 8.07
C ARG A 346 -24.00 0.67 7.71
N THR A 347 -23.63 0.60 6.44
CA THR A 347 -22.31 1.03 5.98
C THR A 347 -22.46 2.05 4.88
N LEU A 348 -21.65 3.11 4.94
CA LEU A 348 -21.67 4.17 3.95
C LEU A 348 -20.26 4.38 3.41
N ASP A 349 -20.13 4.42 2.09
CA ASP A 349 -18.85 4.60 1.43
C ASP A 349 -19.01 5.61 0.31
N LEU A 350 -18.28 6.72 0.40
CA LEU A 350 -18.31 7.77 -0.62
C LEU A 350 -16.91 8.24 -0.94
N SER A 351 -15.95 7.32 -0.93
CA SER A 351 -14.57 7.67 -1.21
C SER A 351 -14.39 7.97 -2.71
N TYR A 352 -13.24 8.57 -3.02
CA TYR A 352 -12.84 8.84 -4.41
C TYR A 352 -13.87 9.72 -5.12
N ASN A 353 -14.16 10.87 -4.52
CA ASN A 353 -15.14 11.79 -5.08
C ASN A 353 -14.62 13.21 -4.88
N ASN A 354 -15.50 14.19 -5.10
CA ASN A 354 -15.18 15.60 -4.92
C ASN A 354 -16.03 16.23 -3.82
N ILE A 355 -16.30 15.47 -2.76
CA ILE A 355 -17.10 15.99 -1.66
C ILE A 355 -16.29 17.03 -0.89
N ARG A 356 -16.88 18.20 -0.69
CA ARG A 356 -16.22 19.30 0.02
C ARG A 356 -16.82 19.59 1.37
N ASP A 357 -18.15 19.56 1.49
CA ASP A 357 -18.83 19.82 2.74
C ASP A 357 -19.62 18.58 3.18
N LEU A 358 -19.74 18.41 4.49
CA LEU A 358 -20.40 17.25 5.06
C LEU A 358 -21.69 17.68 5.72
N PRO A 359 -22.82 17.06 5.37
CA PRO A 359 -24.08 17.37 6.05
C PRO A 359 -24.12 16.72 7.43
N SER A 360 -25.08 17.17 8.24
CA SER A 360 -25.26 16.62 9.57
C SER A 360 -25.71 15.16 9.47
N PHE A 361 -25.03 14.28 10.17
CA PHE A 361 -25.33 12.85 10.15
C PHE A 361 -26.30 12.44 11.24
N ASN A 362 -26.92 13.40 11.94
CA ASN A 362 -27.86 13.06 13.00
C ASN A 362 -29.03 12.27 12.44
N GLY A 363 -29.37 11.18 13.13
CA GLY A 363 -30.47 10.32 12.75
C GLY A 363 -30.04 8.92 12.35
N CYS A 364 -28.86 8.78 11.73
CA CYS A 364 -28.36 7.49 11.26
C CYS A 364 -27.87 6.68 12.45
N HIS A 365 -28.83 6.16 13.22
CA HIS A 365 -28.50 5.39 14.40
C HIS A 365 -27.91 4.02 14.07
N ALA A 366 -28.20 3.50 12.89
CA ALA A 366 -27.70 2.18 12.49
C ALA A 366 -26.38 2.24 11.73
N LEU A 367 -25.85 3.44 11.50
CA LEU A 367 -24.58 3.57 10.77
C LEU A 367 -23.44 2.98 11.58
N GLU A 368 -22.57 2.24 10.91
CA GLU A 368 -21.44 1.60 11.56
C GLU A 368 -20.10 1.94 10.94
N GLU A 369 -20.02 2.04 9.61
CA GLU A 369 -18.78 2.34 8.91
C GLU A 369 -18.99 3.52 7.98
N ILE A 370 -18.04 4.46 7.99
CA ILE A 370 -18.05 5.61 7.10
C ILE A 370 -16.68 5.70 6.44
N SER A 371 -16.67 5.78 5.10
CA SER A 371 -15.45 5.92 4.33
C SER A 371 -15.58 7.15 3.44
N LEU A 372 -14.78 8.18 3.72
CA LEU A 372 -14.83 9.42 2.96
C LEU A 372 -13.43 9.84 2.53
N GLN A 373 -12.55 8.87 2.29
CA GLN A 373 -11.19 9.19 1.92
C GLN A 373 -11.12 9.76 0.51
N ARG A 374 -10.05 10.52 0.26
CA ARG A 374 -9.77 11.09 -1.06
C ARG A 374 -10.91 12.00 -1.54
N ASN A 375 -11.20 13.00 -0.72
CA ASN A 375 -12.18 14.01 -1.07
C ASN A 375 -11.60 15.40 -0.87
N GLN A 376 -12.43 16.43 -0.93
CA GLN A 376 -12.00 17.81 -0.74
C GLN A 376 -12.58 18.39 0.56
N ILE A 377 -12.66 17.56 1.60
CA ILE A 377 -13.13 18.01 2.91
C ILE A 377 -12.02 18.80 3.58
N TYR A 378 -12.36 19.99 4.08
CA TYR A 378 -11.37 20.87 4.70
C TYR A 378 -11.60 21.14 6.18
N GLN A 379 -12.80 20.89 6.70
CA GLN A 379 -13.06 21.14 8.11
C GLN A 379 -14.08 20.16 8.62
N ILE A 380 -14.10 19.98 9.94
CA ILE A 380 -15.08 19.13 10.62
C ILE A 380 -15.73 19.96 11.71
N LYS A 381 -17.05 20.12 11.63
CA LYS A 381 -17.78 20.91 12.60
C LYS A 381 -18.27 20.03 13.75
N GLU A 382 -18.77 20.68 14.80
CA GLU A 382 -19.22 19.95 15.98
C GLU A 382 -20.39 19.04 15.65
N GLY A 383 -21.33 19.52 14.84
CA GLY A 383 -22.53 18.77 14.53
C GLY A 383 -22.39 17.76 13.42
N THR A 384 -21.18 17.55 12.90
CA THR A 384 -21.00 16.61 11.80
C THR A 384 -21.31 15.17 12.23
N PHE A 385 -20.93 14.80 13.44
CA PHE A 385 -21.10 13.44 13.93
C PHE A 385 -21.83 13.43 15.26
N GLN A 386 -22.88 14.24 15.37
CA GLN A 386 -23.62 14.32 16.63
C GLN A 386 -24.43 13.05 16.88
N GLY A 387 -25.18 12.60 15.87
CA GLY A 387 -26.17 11.57 16.05
C GLY A 387 -25.72 10.14 15.87
N LEU A 388 -24.45 9.89 15.59
CA LEU A 388 -23.97 8.53 15.34
C LEU A 388 -23.68 7.87 16.69
N ILE A 389 -24.51 6.90 17.05
CA ILE A 389 -24.34 6.20 18.32
C ILE A 389 -23.75 4.80 18.14
N SER A 390 -23.78 4.24 16.93
CA SER A 390 -23.26 2.91 16.67
C SER A 390 -22.09 2.93 15.70
N LEU A 391 -21.42 4.08 15.55
CA LEU A 391 -20.26 4.16 14.68
C LEU A 391 -19.10 3.37 15.25
N ARG A 392 -18.41 2.63 14.39
CA ARG A 392 -17.24 1.86 14.79
C ARG A 392 -15.99 2.19 13.98
N ILE A 393 -16.13 2.40 12.67
CA ILE A 393 -15.01 2.70 11.79
C ILE A 393 -15.30 4.02 11.08
N LEU A 394 -14.34 4.94 11.12
CA LEU A 394 -14.46 6.23 10.47
C LEU A 394 -13.15 6.53 9.75
N ASP A 395 -13.22 6.69 8.43
CA ASP A 395 -12.04 6.93 7.60
C ASP A 395 -12.17 8.29 6.94
N LEU A 396 -11.15 9.14 7.14
CA LEU A 396 -11.11 10.47 6.53
C LEU A 396 -9.73 10.76 5.95
N SER A 397 -9.01 9.72 5.56
CA SER A 397 -7.63 9.89 5.10
C SER A 397 -7.59 10.61 3.76
N ARG A 398 -6.46 11.29 3.51
CA ARG A 398 -6.20 11.97 2.24
C ARG A 398 -7.28 13.00 1.91
N ASN A 399 -7.41 13.97 2.80
CA ASN A 399 -8.30 15.10 2.61
C ASN A 399 -7.52 16.40 2.83
N LEU A 400 -8.23 17.51 2.78
CA LEU A 400 -7.63 18.83 3.00
C LEU A 400 -8.03 19.40 4.37
N ILE A 401 -8.29 18.53 5.34
CA ILE A 401 -8.72 18.99 6.66
C ILE A 401 -7.57 19.70 7.34
N HIS A 402 -7.83 20.91 7.84
CA HIS A 402 -6.84 21.66 8.60
C HIS A 402 -7.29 22.06 9.99
N GLU A 403 -8.59 21.98 10.30
CA GLU A 403 -9.08 22.28 11.64
C GLU A 403 -10.20 21.30 11.99
N ILE A 404 -10.25 20.91 13.25
CA ILE A 404 -11.28 20.02 13.78
C ILE A 404 -11.78 20.61 15.09
N HIS A 405 -13.10 20.70 15.24
CA HIS A 405 -13.66 21.18 16.48
C HIS A 405 -13.32 20.23 17.63
N SER A 406 -13.06 20.80 18.81
CA SER A 406 -12.62 20.00 19.93
C SER A 406 -13.69 19.01 20.39
N ARG A 407 -14.97 19.35 20.19
CA ARG A 407 -16.08 18.51 20.61
C ARG A 407 -16.70 17.74 19.46
N ALA A 408 -15.97 17.57 18.35
CA ALA A 408 -16.52 16.85 17.21
C ALA A 408 -16.77 15.39 17.54
N PHE A 409 -15.89 14.76 18.31
CA PHE A 409 -16.03 13.35 18.67
C PHE A 409 -16.59 13.15 20.06
N ALA A 410 -17.12 14.21 20.69
CA ALA A 410 -17.62 14.10 22.05
C ALA A 410 -18.81 13.15 22.12
N THR A 411 -19.79 13.32 21.23
CA THR A 411 -21.01 12.51 21.25
C THR A 411 -20.89 11.35 20.26
N LEU A 412 -20.03 10.40 20.60
CA LEU A 412 -19.81 9.21 19.80
C LEU A 412 -19.99 7.96 20.65
N GLY A 413 -20.26 6.85 19.98
CA GLY A 413 -20.45 5.59 20.65
C GLY A 413 -19.18 4.77 20.71
N PRO A 414 -19.28 3.48 20.41
CA PRO A 414 -18.11 2.59 20.46
C PRO A 414 -17.20 2.75 19.24
N ILE A 415 -16.55 3.90 19.14
CA ILE A 415 -15.63 4.15 18.04
C ILE A 415 -14.39 3.29 18.24
N THR A 416 -14.04 2.51 17.23
CA THR A 416 -12.96 1.54 17.32
C THR A 416 -11.79 1.85 16.41
N ASN A 417 -12.05 2.20 15.15
CA ASN A 417 -11.00 2.49 14.19
C ASN A 417 -11.19 3.90 13.65
N LEU A 418 -10.12 4.68 13.64
CA LEU A 418 -10.14 6.05 13.16
C LEU A 418 -8.92 6.27 12.27
N ASP A 419 -9.13 6.95 11.14
CA ASP A 419 -8.06 7.18 10.17
C ASP A 419 -8.25 8.57 9.58
N VAL A 420 -7.42 9.52 10.01
CA VAL A 420 -7.45 10.87 9.45
C VAL A 420 -6.07 11.22 8.91
N SER A 421 -5.36 10.22 8.42
CA SER A 421 -4.00 10.41 7.93
C SER A 421 -3.99 11.25 6.66
N PHE A 422 -2.80 11.78 6.34
CA PHE A 422 -2.57 12.56 5.13
C PHE A 422 -3.51 13.77 5.06
N ASN A 423 -3.36 14.66 6.04
CA ASN A 423 -4.17 15.86 6.12
C ASN A 423 -3.28 17.02 6.53
N GLU A 424 -3.87 18.21 6.65
CA GLU A 424 -3.17 19.42 7.07
C GLU A 424 -3.47 19.75 8.52
N LEU A 425 -3.63 18.73 9.36
CA LEU A 425 -4.03 18.95 10.75
C LEU A 425 -2.92 19.65 11.53
N THR A 426 -3.33 20.56 12.40
CA THR A 426 -2.42 21.20 13.35
C THR A 426 -2.75 20.87 14.79
N SER A 427 -3.95 20.37 15.08
CA SER A 427 -4.35 19.97 16.42
C SER A 427 -5.18 18.71 16.31
N PHE A 428 -5.46 18.10 17.46
CA PHE A 428 -6.23 16.86 17.47
C PHE A 428 -6.99 16.71 18.79
N PRO A 429 -8.32 16.74 18.75
CA PRO A 429 -9.10 16.55 19.98
C PRO A 429 -8.99 15.13 20.49
N THR A 430 -9.14 15.00 21.81
CA THR A 430 -9.04 13.70 22.47
C THR A 430 -10.30 13.27 23.18
N GLU A 431 -11.29 14.14 23.34
CA GLU A 431 -12.50 13.79 24.07
C GLU A 431 -13.30 12.74 23.31
N GLY A 432 -13.73 11.71 24.03
CA GLY A 432 -14.54 10.66 23.44
C GLY A 432 -13.78 9.58 22.71
N LEU A 433 -12.45 9.60 22.74
CA LEU A 433 -11.64 8.63 22.02
C LEU A 433 -10.97 7.61 22.95
N ASN A 434 -11.49 7.45 24.17
CA ASN A 434 -10.90 6.50 25.11
C ASN A 434 -11.01 5.06 24.60
N GLY A 435 -12.04 4.76 23.84
CA GLY A 435 -12.25 3.43 23.29
C GLY A 435 -11.58 3.17 21.97
N LEU A 436 -10.76 4.09 21.49
CA LEU A 436 -10.10 3.91 20.20
C LEU A 436 -9.11 2.77 20.25
N ASN A 437 -9.02 2.01 19.15
CA ASN A 437 -8.11 0.89 19.05
C ASN A 437 -7.07 1.08 17.95
N GLN A 438 -7.49 1.53 16.77
CA GLN A 438 -6.58 1.81 15.67
C GLN A 438 -6.65 3.30 15.34
N LEU A 439 -5.50 3.95 15.26
CA LEU A 439 -5.42 5.36 14.93
C LEU A 439 -4.27 5.58 13.98
N LYS A 440 -4.53 6.32 12.91
CA LYS A 440 -3.51 6.63 11.89
C LYS A 440 -3.41 8.13 11.75
N LEU A 441 -2.20 8.67 11.91
CA LEU A 441 -1.96 10.10 11.86
C LEU A 441 -0.86 10.48 10.89
N VAL A 442 -0.37 9.53 10.09
CA VAL A 442 0.76 9.80 9.22
C VAL A 442 0.38 10.84 8.16
N GLY A 443 1.37 11.61 7.72
CA GLY A 443 1.15 12.62 6.72
C GLY A 443 0.78 13.99 7.24
N ASN A 444 0.49 14.11 8.54
CA ASN A 444 0.15 15.39 9.15
C ASN A 444 1.44 16.05 9.63
N PHE A 445 2.20 16.56 8.66
CA PHE A 445 3.52 17.13 8.97
C PHE A 445 3.43 18.40 9.79
N LYS A 446 2.30 19.10 9.76
CA LYS A 446 2.12 20.31 10.56
C LYS A 446 1.59 20.01 11.96
N LEU A 447 1.40 18.74 12.31
CA LEU A 447 0.95 18.37 13.64
C LEU A 447 2.16 18.21 14.54
N LYS A 448 2.23 19.04 15.58
CA LYS A 448 3.38 19.06 16.48
C LYS A 448 3.09 18.52 17.86
N GLU A 449 1.89 18.71 18.39
CA GLU A 449 1.61 18.31 19.76
C GLU A 449 1.73 16.81 19.95
N ALA A 450 2.07 16.41 21.17
CA ALA A 450 2.24 15.00 21.52
C ALA A 450 0.99 14.50 22.22
N LEU A 451 0.48 13.36 21.76
CA LEU A 451 -0.74 12.80 22.33
C LEU A 451 -0.49 12.30 23.75
N ALA A 452 -1.50 12.41 24.59
CA ALA A 452 -1.43 11.97 25.97
C ALA A 452 -1.77 10.49 26.07
N ALA A 453 -1.00 9.76 26.87
CA ALA A 453 -1.24 8.34 27.03
C ALA A 453 -2.55 8.07 27.77
N LYS A 454 -2.94 8.96 28.67
CA LYS A 454 -4.15 8.75 29.46
C LYS A 454 -5.43 8.95 28.66
N ASP A 455 -5.35 9.50 27.45
CA ASP A 455 -6.54 9.70 26.62
C ASP A 455 -6.76 8.58 25.62
N PHE A 456 -5.84 7.64 25.51
CA PHE A 456 -5.95 6.54 24.55
C PHE A 456 -5.61 5.22 25.23
N VAL A 457 -6.22 4.98 26.40
CA VAL A 457 -5.87 3.82 27.21
C VAL A 457 -6.19 2.50 26.54
N ASN A 458 -6.99 2.49 25.48
CA ASN A 458 -7.30 1.26 24.75
C ASN A 458 -6.58 1.17 23.41
N LEU A 459 -5.61 2.06 23.15
CA LEU A 459 -4.90 2.04 21.88
C LEU A 459 -4.08 0.75 21.75
N ARG A 460 -4.03 0.23 20.53
CA ARG A 460 -3.22 -0.96 20.25
C ARG A 460 -2.31 -0.73 19.06
N SER A 461 -2.76 0.08 18.10
CA SER A 461 -1.96 0.40 16.92
C SER A 461 -2.03 1.90 16.69
N LEU A 462 -0.88 2.49 16.36
CA LEU A 462 -0.82 3.94 16.16
C LEU A 462 0.32 4.27 15.21
N SER A 463 0.04 5.15 14.25
CA SER A 463 1.04 5.69 13.34
C SER A 463 0.99 7.20 13.40
N VAL A 464 2.16 7.82 13.58
CA VAL A 464 2.24 9.28 13.76
C VAL A 464 3.25 9.84 12.78
N PRO A 465 3.12 11.11 12.37
CA PRO A 465 4.07 11.66 11.39
C PRO A 465 5.51 11.68 11.87
N TYR A 466 5.75 11.89 13.16
CA TYR A 466 7.09 11.98 13.71
C TYR A 466 7.29 10.91 14.77
N ALA A 467 8.44 10.23 14.70
CA ALA A 467 8.70 9.12 15.63
C ALA A 467 8.75 9.58 17.07
N TYR A 468 9.08 10.85 17.32
CA TYR A 468 9.15 11.34 18.68
C TYR A 468 7.81 11.33 19.38
N GLN A 469 6.70 11.29 18.62
CA GLN A 469 5.38 11.21 19.23
C GLN A 469 5.01 9.79 19.65
N CYS A 470 5.80 8.79 19.27
CA CYS A 470 5.59 7.41 19.67
C CYS A 470 6.26 7.07 21.00
N CYS A 471 6.97 8.03 21.61
CA CYS A 471 7.72 7.74 22.82
C CYS A 471 6.80 7.45 24.00
N ALA A 472 5.62 8.09 24.05
CA ALA A 472 4.70 7.85 25.16
C ALA A 472 4.16 6.42 25.15
N PHE A 473 3.90 5.89 23.95
CA PHE A 473 3.30 4.54 23.84
C PHE A 473 4.30 3.57 23.22
N TRP A 474 5.58 3.68 23.59
CA TRP A 474 6.63 2.74 23.09
C TRP A 474 5.99 1.40 22.73
N GLY A 475 5.10 0.89 23.59
CA GLY A 475 4.48 -0.44 23.35
C GLY A 475 4.89 -1.42 24.43
N CYS A 476 5.71 -0.97 25.39
CA CYS A 476 6.14 -1.84 26.51
C CYS A 476 4.91 -2.45 27.18
N ILE A 519 2.75 -4.08 23.15
CA ILE A 519 1.25 -4.06 23.22
C ILE A 519 0.73 -2.95 22.30
N ILE A 520 1.57 -1.95 22.00
CA ILE A 520 1.17 -0.84 21.09
C ILE A 520 2.19 -0.73 19.96
N HIS A 521 1.93 -1.41 18.83
CA HIS A 521 2.83 -1.31 17.68
C HIS A 521 2.78 0.12 17.15
N CYS A 522 3.54 1.00 17.81
CA CYS A 522 3.62 2.40 17.42
C CYS A 522 4.62 2.56 16.29
N THR A 523 4.23 3.29 15.25
CA THR A 523 5.09 3.50 14.10
C THR A 523 5.18 4.98 13.78
N PRO A 524 6.33 5.46 13.28
CA PRO A 524 7.59 4.71 13.05
C PRO A 524 8.31 4.40 14.34
N SER A 525 9.08 3.32 14.38
CA SER A 525 9.74 2.91 15.61
C SER A 525 10.80 3.92 16.03
N THR A 526 10.84 4.23 17.33
CA THR A 526 11.81 5.16 17.89
C THR A 526 13.11 4.40 18.15
N GLY A 527 13.93 4.29 17.11
CA GLY A 527 15.18 3.58 17.20
C GLY A 527 16.23 4.38 17.95
N ALA A 528 17.45 3.84 17.93
CA ALA A 528 18.56 4.52 18.59
C ALA A 528 18.86 5.87 17.96
N PHE A 529 18.63 6.00 16.66
CA PHE A 529 18.84 7.28 15.98
C PHE A 529 17.89 8.35 16.48
N LYS A 530 16.73 7.98 17.00
CA LYS A 530 15.73 8.93 17.50
C LYS A 530 15.40 8.57 18.94
N PRO A 531 16.31 8.87 19.88
CA PRO A 531 16.07 8.49 21.28
C PRO A 531 14.98 9.33 21.90
N CYS A 532 14.37 8.75 22.94
CA CYS A 532 13.31 9.41 23.69
C CYS A 532 13.80 10.05 24.98
N GLU A 533 14.77 9.42 25.65
CA GLU A 533 15.20 9.90 26.96
C GLU A 533 16.41 10.83 26.85
N TYR A 534 17.52 10.34 26.32
CA TYR A 534 18.78 11.08 26.27
C TYR A 534 19.29 11.12 24.85
N LEU A 535 19.74 12.31 24.42
CA LEU A 535 20.22 12.47 23.05
C LEU A 535 21.50 11.68 22.82
N LEU A 536 22.49 11.83 23.69
CA LEU A 536 23.77 11.15 23.49
C LEU A 536 23.72 9.67 23.86
N GLY A 537 22.89 9.30 24.81
CA GLY A 537 22.74 7.89 25.18
C GLY A 537 23.54 7.54 26.43
N SER A 538 24.54 6.66 26.25
CA SER A 538 25.27 6.11 27.38
C SER A 538 26.12 7.18 28.07
N TRP A 539 26.45 6.92 29.33
CA TRP A 539 27.27 7.84 30.10
C TRP A 539 28.67 7.95 29.51
N MET A 540 29.23 6.84 29.03
CA MET A 540 30.56 6.86 28.45
C MET A 540 30.62 7.75 27.21
N ILE A 541 29.59 7.67 26.37
CA ILE A 541 29.55 8.52 25.18
C ILE A 541 29.46 9.99 25.57
N ARG A 542 28.62 10.31 26.56
CA ARG A 542 28.40 11.70 26.93
C ARG A 542 29.67 12.35 27.46
N LEU A 543 30.42 11.64 28.30
CA LEU A 543 31.63 12.24 28.87
C LEU A 543 32.68 12.49 27.79
N THR A 544 32.78 11.58 26.81
CA THR A 544 33.77 11.74 25.75
C THR A 544 33.47 12.97 24.91
N VAL A 545 32.20 13.18 24.54
CA VAL A 545 31.85 14.33 23.72
C VAL A 545 32.12 15.63 24.49
N TRP A 546 31.88 15.62 25.81
CA TRP A 546 32.32 16.73 26.64
C TRP A 546 33.83 16.86 26.60
N PHE A 547 34.55 15.73 26.68
CA PHE A 547 36.00 15.78 26.60
C PHE A 547 36.46 16.29 25.24
N ILE A 548 35.81 15.85 24.16
CA ILE A 548 36.17 16.31 22.82
C ILE A 548 35.90 17.81 22.68
N PHE A 549 34.74 18.27 23.16
CA PHE A 549 34.37 19.66 22.97
C PHE A 549 35.32 20.60 23.70
N LEU A 550 35.69 20.28 24.93
CA LEU A 550 36.57 21.16 25.69
C LEU A 550 37.96 21.22 25.08
N VAL A 551 38.51 20.07 24.68
CA VAL A 551 39.84 20.05 24.09
C VAL A 551 39.85 20.79 22.76
N ALA A 552 38.85 20.53 21.92
CA ALA A 552 38.81 21.17 20.60
C ALA A 552 38.66 22.68 20.74
N LEU A 553 37.81 23.15 21.66
CA LEU A 553 37.62 24.58 21.81
C LEU A 553 38.86 25.25 22.39
N PHE A 554 39.47 24.66 23.42
CA PHE A 554 40.61 25.28 24.07
C PHE A 554 41.85 25.26 23.18
N PHE A 555 42.17 24.10 22.60
CA PHE A 555 43.44 23.98 21.89
C PHE A 555 43.41 24.69 20.55
N ASN A 556 42.30 24.57 19.80
CA ASN A 556 42.23 25.23 18.50
C ASN A 556 42.32 26.74 18.65
N LEU A 557 41.68 27.29 19.69
CA LEU A 557 41.78 28.73 19.92
C LEU A 557 43.23 29.13 20.23
N LEU A 558 43.94 28.30 21.01
CA LEU A 558 45.33 28.61 21.32
C LEU A 558 46.19 28.57 20.07
N VAL A 559 46.01 27.55 19.22
CA VAL A 559 46.82 27.44 18.01
C VAL A 559 46.52 28.58 17.05
N ILE A 560 45.24 28.94 16.92
CA ILE A 560 44.87 30.04 16.04
C ILE A 560 45.53 31.33 16.49
N LEU A 561 45.54 31.59 17.79
CA LEU A 561 46.09 32.84 18.30
C LEU A 561 47.60 32.92 18.04
N THR A 562 48.34 31.87 18.36
CA THR A 562 49.80 31.93 18.30
C THR A 562 50.29 32.17 16.87
N THR A 563 49.71 31.47 15.90
CA THR A 563 50.18 31.62 14.52
C THR A 563 49.86 33.00 13.97
N PHE A 564 48.71 33.56 14.32
CA PHE A 564 48.28 34.83 13.76
C PHE A 564 48.62 36.03 14.63
N ALA A 565 49.26 35.83 15.78
CA ALA A 565 49.68 36.95 16.61
C ALA A 565 51.10 37.40 16.33
N SER A 566 51.85 36.66 15.51
CA SER A 566 53.22 37.02 15.16
C SER A 566 53.19 37.87 13.90
N CYS A 567 53.47 39.17 14.04
CA CYS A 567 53.47 40.08 12.90
C CYS A 567 54.74 39.91 12.07
N THR A 568 54.89 38.71 11.53
CA THR A 568 56.03 38.34 10.70
C THR A 568 55.53 37.80 9.37
N SER A 569 56.47 37.49 8.48
CA SER A 569 56.13 36.88 7.20
C SER A 569 55.53 35.51 7.44
N LEU A 570 54.41 35.23 6.77
CA LEU A 570 53.69 33.98 6.97
C LEU A 570 54.00 33.03 5.81
N PRO A 571 54.77 31.98 6.01
CA PRO A 571 55.03 31.03 4.92
C PRO A 571 53.82 30.15 4.67
N SER A 572 53.84 29.49 3.50
CA SER A 572 52.71 28.65 3.11
C SER A 572 52.55 27.48 4.07
N SER A 573 53.65 26.88 4.52
CA SER A 573 53.56 25.74 5.43
C SER A 573 52.91 26.14 6.75
N LYS A 574 53.31 27.28 7.31
CA LYS A 574 52.64 27.78 8.50
C LYS A 574 51.21 28.19 8.21
N LEU A 575 50.95 28.67 6.98
CA LEU A 575 49.64 29.22 6.66
C LEU A 575 48.56 28.16 6.77
N PHE A 576 48.79 26.99 6.18
CA PHE A 576 47.77 25.94 6.16
C PHE A 576 47.51 25.36 7.53
N ILE A 577 48.46 25.50 8.46
CA ILE A 577 48.24 25.04 9.83
C ILE A 577 47.14 25.88 10.48
N GLY A 578 47.15 27.18 10.26
CA GLY A 578 46.18 28.07 10.87
C GLY A 578 44.74 27.80 10.51
N LEU A 579 44.45 27.67 9.21
CA LEU A 579 43.06 27.44 8.79
C LEU A 579 42.57 26.05 9.16
N ILE A 580 43.45 25.06 9.21
CA ILE A 580 43.04 23.74 9.70
C ILE A 580 42.55 23.86 11.14
N SER A 581 43.26 24.64 11.96
CA SER A 581 42.78 24.92 13.31
C SER A 581 41.50 25.74 13.27
N VAL A 582 41.41 26.70 12.35
CA VAL A 582 40.16 27.45 12.17
C VAL A 582 39.04 26.52 11.72
N SER A 583 39.34 25.65 10.76
CA SER A 583 38.33 24.70 10.29
C SER A 583 37.92 23.74 11.41
N ASN A 584 38.89 23.27 12.20
CA ASN A 584 38.57 22.39 13.30
C ASN A 584 37.86 23.11 14.44
N LEU A 585 38.00 24.43 14.53
CA LEU A 585 37.29 25.18 15.55
C LEU A 585 35.79 25.08 15.37
N PHE A 586 35.32 25.17 14.12
CA PHE A 586 33.89 25.07 13.85
C PHE A 586 33.35 23.71 14.24
N MET A 587 34.14 22.65 14.03
CA MET A 587 33.71 21.32 14.45
C MET A 587 33.54 21.26 15.97
N GLY A 588 34.46 21.88 16.71
CA GLY A 588 34.30 21.98 18.15
C GLY A 588 33.04 22.74 18.52
N ILE A 589 32.72 23.79 17.76
CA ILE A 589 31.47 24.51 17.99
C ILE A 589 30.28 23.59 17.74
N TYR A 590 30.35 22.77 16.70
CA TYR A 590 29.26 21.85 16.40
C TYR A 590 29.01 20.88 17.54
N THR A 591 30.08 20.32 18.11
CA THR A 591 29.92 19.44 19.26
C THR A 591 29.42 20.20 20.48
N GLY A 592 29.76 21.50 20.58
CA GLY A 592 29.22 22.30 21.67
C GLY A 592 27.71 22.41 21.62
N ILE A 593 27.16 22.51 20.41
CA ILE A 593 25.71 22.56 20.26
C ILE A 593 25.08 21.26 20.76
N LEU A 594 25.67 20.13 20.38
CA LEU A 594 25.13 18.84 20.81
C LEU A 594 25.23 18.67 22.32
N THR A 595 26.35 19.07 22.91
CA THR A 595 26.52 18.91 24.34
C THR A 595 25.51 19.74 25.12
N PHE A 596 25.34 21.02 24.74
CA PHE A 596 24.42 21.88 25.46
C PHE A 596 22.97 21.46 25.22
N LEU A 597 22.66 20.99 24.00
CA LEU A 597 21.32 20.49 23.74
C LEU A 597 21.03 19.26 24.59
N ASP A 598 22.01 18.38 24.74
CA ASP A 598 21.82 17.20 25.59
C ASP A 598 21.63 17.59 27.05
N ALA A 599 22.41 18.56 27.52
CA ALA A 599 22.29 19.00 28.92
C ALA A 599 20.93 19.63 29.18
N VAL A 600 20.45 20.46 28.26
CA VAL A 600 19.14 21.09 28.45
C VAL A 600 18.03 20.05 28.40
N SER A 601 18.11 19.11 27.46
CA SER A 601 17.08 18.09 27.27
C SER A 601 17.40 16.80 28.01
N TRP A 602 18.08 16.88 29.15
CA TRP A 602 18.43 15.69 29.91
C TRP A 602 17.17 14.96 30.39
N GLY A 603 16.91 13.79 29.81
CA GLY A 603 15.76 13.00 30.18
C GLY A 603 14.46 13.42 29.54
N ARG A 604 14.45 14.48 28.74
CA ARG A 604 13.23 15.01 28.16
C ARG A 604 13.43 15.35 26.68
N PHE A 605 14.29 14.59 26.00
CA PHE A 605 14.62 14.92 24.62
C PHE A 605 13.44 14.71 23.68
N ALA A 606 12.52 13.81 24.04
CA ALA A 606 11.36 13.57 23.17
C ALA A 606 10.54 14.83 22.98
N GLU A 607 10.48 15.69 24.00
CA GLU A 607 9.74 16.95 23.88
C GLU A 607 10.40 17.87 22.86
N PHE A 608 11.74 17.93 22.85
CA PHE A 608 12.46 18.84 21.97
C PHE A 608 12.81 18.22 20.62
N GLY A 609 12.67 16.90 20.50
CA GLY A 609 13.08 16.21 19.26
C GLY A 609 12.47 16.87 18.03
N ILE A 610 11.15 16.96 18.00
CA ILE A 610 10.44 17.55 16.84
C ILE A 610 10.94 18.99 16.64
N TRP A 611 10.89 19.81 17.68
CA TRP A 611 11.26 21.21 17.49
C TRP A 611 12.68 21.35 16.99
N TRP A 612 13.60 20.51 17.47
CA TRP A 612 14.99 20.61 17.06
C TRP A 612 15.17 20.26 15.59
N GLU A 613 14.62 19.13 15.15
CA GLU A 613 14.82 18.68 13.77
C GLU A 613 14.15 19.63 12.79
N THR A 614 12.87 19.93 13.02
CA THR A 614 12.13 20.78 12.09
C THR A 614 12.53 22.25 12.18
N GLY A 615 13.07 22.68 13.31
CA GLY A 615 13.49 24.06 13.46
C GLY A 615 14.76 24.36 12.69
N SER A 616 15.07 25.66 12.61
CA SER A 616 16.28 26.09 11.92
C SER A 616 17.54 25.70 12.67
N GLY A 617 17.43 25.27 13.94
CA GLY A 617 18.61 24.91 14.70
C GLY A 617 19.34 23.73 14.10
N CYS A 618 18.61 22.70 13.67
CA CYS A 618 19.26 21.53 13.08
C CYS A 618 19.98 21.89 11.78
N LYS A 619 19.37 22.73 10.96
CA LYS A 619 19.99 23.12 9.70
C LYS A 619 21.29 23.88 9.94
N VAL A 620 21.30 24.78 10.92
CA VAL A 620 22.52 25.53 11.23
C VAL A 620 23.60 24.59 11.76
N ALA A 621 23.23 23.72 12.71
CA ALA A 621 24.18 22.76 13.24
C ALA A 621 24.63 21.78 12.18
N GLY A 622 23.71 21.34 11.32
CA GLY A 622 24.09 20.44 10.25
C GLY A 622 25.03 21.08 9.25
N PHE A 623 24.83 22.37 8.97
CA PHE A 623 25.71 23.06 8.04
C PHE A 623 27.14 23.15 8.59
N LEU A 624 27.28 23.43 9.89
CA LEU A 624 28.61 23.54 10.48
C LEU A 624 29.36 22.22 10.40
N ALA A 625 28.68 21.11 10.66
CA ALA A 625 29.34 19.81 10.63
C ALA A 625 29.87 19.50 9.24
N VAL A 626 29.08 19.76 8.21
CA VAL A 626 29.53 19.51 6.84
C VAL A 626 30.62 20.50 6.45
N PHE A 627 30.42 21.79 6.78
CA PHE A 627 31.40 22.80 6.39
C PHE A 627 32.74 22.58 7.08
N SER A 628 32.71 22.26 8.38
CA SER A 628 33.97 22.08 9.09
C SER A 628 34.67 20.80 8.68
N SER A 629 33.93 19.73 8.41
CA SER A 629 34.56 18.48 8.01
C SER A 629 35.14 18.58 6.61
N GLU A 630 34.37 19.12 5.67
CA GLU A 630 34.83 19.17 4.28
C GLU A 630 36.00 20.11 4.10
N SER A 631 35.96 21.28 4.73
CA SER A 631 37.05 22.24 4.58
C SER A 631 38.34 21.72 5.21
N ALA A 632 38.23 20.88 6.24
CA ALA A 632 39.42 20.31 6.86
C ALA A 632 40.16 19.41 5.90
N ILE A 633 39.44 18.58 5.15
CA ILE A 633 40.09 17.68 4.20
C ILE A 633 40.68 18.44 3.04
N PHE A 634 39.94 19.42 2.51
CA PHE A 634 40.43 20.19 1.37
C PHE A 634 41.67 21.00 1.74
N LEU A 635 41.67 21.60 2.93
CA LEU A 635 42.81 22.41 3.35
C LEU A 635 44.08 21.58 3.46
N LEU A 636 44.01 20.48 4.22
CA LEU A 636 45.20 19.67 4.44
C LEU A 636 45.65 18.97 3.16
N MET A 637 44.73 18.71 2.23
CA MET A 637 45.14 18.22 0.92
C MET A 637 46.00 19.25 0.20
N LEU A 638 45.61 20.53 0.28
CA LEU A 638 46.43 21.59 -0.29
C LEU A 638 47.78 21.68 0.39
N ALA A 639 47.83 21.47 1.70
CA ALA A 639 49.10 21.48 2.41
C ALA A 639 50.01 20.37 1.90
N THR A 640 49.44 19.20 1.61
CA THR A 640 50.24 18.11 1.05
C THR A 640 50.81 18.49 -0.31
N VAL A 641 50.00 19.10 -1.16
CA VAL A 641 50.49 19.57 -2.46
C VAL A 641 51.55 20.64 -2.26
N GLU A 642 51.32 21.56 -1.32
CA GLU A 642 52.29 22.62 -1.05
C GLU A 642 53.61 22.03 -0.57
N ARG A 643 53.56 21.04 0.32
CA ARG A 643 54.79 20.44 0.83
C ARG A 643 55.58 19.78 -0.29
N SER A 644 54.90 19.07 -1.19
CA SER A 644 55.59 18.44 -2.30
C SER A 644 56.21 19.46 -3.23
N LEU A 645 55.47 20.52 -3.56
CA LEU A 645 55.97 21.53 -4.49
C LEU A 645 57.08 22.35 -3.85
N SER A 646 56.94 22.70 -2.57
CA SER A 646 57.99 23.45 -1.89
C SER A 646 59.26 22.63 -1.78
N ALA A 647 59.13 21.33 -1.51
CA ALA A 647 60.30 20.47 -1.43
C ALA A 647 61.02 20.38 -2.77
N LYS A 648 60.24 20.25 -3.86
CA LYS A 648 60.85 20.11 -5.19
C LYS A 648 61.64 21.36 -5.57
N ASP A 649 61.13 22.54 -5.23
CA ASP A 649 61.81 23.78 -5.60
C ASP A 649 63.08 24.02 -4.80
N ILE A 650 63.33 23.23 -3.75
CA ILE A 650 64.52 23.45 -2.93
C ILE A 650 65.78 23.07 -3.70
N MET A 651 65.87 21.81 -4.14
CA MET A 651 67.02 21.39 -4.93
C MET A 651 66.97 21.87 -6.37
N LYS A 652 65.84 22.39 -6.83
CA LYS A 652 65.73 22.89 -8.19
C LYS A 652 65.99 24.39 -8.27
N ASN A 653 65.30 25.18 -7.45
CA ASN A 653 65.48 26.63 -7.43
C ASN A 653 65.90 27.18 -6.09
N GLY A 654 65.52 26.53 -4.98
CA GLY A 654 65.87 27.01 -3.66
C GLY A 654 64.97 28.07 -3.09
N LYS A 655 63.96 28.51 -3.83
CA LYS A 655 63.03 29.53 -3.37
C LYS A 655 61.63 29.20 -3.85
N SER A 656 60.64 29.40 -2.99
CA SER A 656 59.24 29.17 -3.32
C SER A 656 58.55 30.50 -3.59
N ASN A 657 57.92 30.61 -4.75
CA ASN A 657 57.25 31.84 -5.16
C ASN A 657 55.78 31.59 -5.47
N HIS A 658 55.21 30.53 -4.90
CA HIS A 658 53.80 30.20 -5.08
C HIS A 658 52.96 30.63 -3.89
N LEU A 659 53.51 31.48 -3.00
CA LEU A 659 52.81 31.85 -1.78
C LEU A 659 51.49 32.55 -2.09
N LYS A 660 51.49 33.47 -3.06
CA LYS A 660 50.27 34.16 -3.43
C LYS A 660 49.24 33.19 -4.01
N GLN A 661 49.71 32.24 -4.82
CA GLN A 661 48.79 31.27 -5.43
C GLN A 661 48.12 30.40 -4.37
N PHE A 662 48.87 30.00 -3.34
CA PHE A 662 48.30 29.15 -2.30
C PHE A 662 47.20 29.88 -1.54
N ARG A 663 47.36 31.18 -1.31
CA ARG A 663 46.34 31.95 -0.60
C ARG A 663 45.03 31.95 -1.38
N VAL A 664 45.09 32.09 -2.69
CA VAL A 664 43.89 32.04 -3.52
C VAL A 664 43.22 30.68 -3.41
N ALA A 665 44.03 29.61 -3.44
CA ALA A 665 43.49 28.26 -3.33
C ALA A 665 42.80 28.05 -1.98
N ALA A 666 43.34 28.66 -0.93
CA ALA A 666 42.72 28.54 0.39
C ALA A 666 41.31 29.10 0.38
N LEU A 667 41.12 30.28 -0.22
CA LEU A 667 39.78 30.83 -0.36
C LEU A 667 38.90 29.94 -1.22
N LEU A 668 39.46 29.39 -2.31
CA LEU A 668 38.71 28.46 -3.14
C LEU A 668 38.34 27.21 -2.36
N ALA A 669 39.24 26.74 -1.49
CA ALA A 669 38.95 25.54 -0.71
C ALA A 669 37.78 25.77 0.23
N PHE A 670 37.71 26.95 0.85
CA PHE A 670 36.58 27.25 1.72
C PHE A 670 35.27 27.34 0.93
N LEU A 671 35.34 27.88 -0.30
CA LEU A 671 34.15 27.98 -1.13
C LEU A 671 33.57 26.60 -1.44
N GLY A 672 34.43 25.64 -1.73
CA GLY A 672 33.94 24.28 -1.98
C GLY A 672 33.21 23.69 -0.79
N ALA A 673 33.73 23.93 0.41
CA ALA A 673 33.05 23.46 1.61
C ALA A 673 31.70 24.13 1.80
N THR A 674 31.64 25.44 1.54
CA THR A 674 30.39 26.18 1.71
C THR A 674 29.32 25.65 0.76
N VAL A 675 29.70 25.37 -0.49
CA VAL A 675 28.75 24.83 -1.45
C VAL A 675 28.22 23.48 -0.98
N ALA A 676 29.12 22.62 -0.50
CA ALA A 676 28.71 21.32 0.01
C ALA A 676 27.81 21.48 1.24
N GLY A 677 28.13 22.44 2.11
CA GLY A 677 27.32 22.65 3.29
C GLY A 677 25.92 23.14 2.98
N CYS A 678 25.79 23.99 1.96
CA CYS A 678 24.50 24.56 1.61
C CYS A 678 23.66 23.65 0.73
N PHE A 679 24.23 22.58 0.18
CA PHE A 679 23.47 21.67 -0.67
C PHE A 679 22.30 21.02 0.05
N PRO A 680 22.45 20.45 1.25
CA PRO A 680 21.28 19.86 1.92
C PRO A 680 20.20 20.87 2.28
N LEU A 681 20.53 22.17 2.34
CA LEU A 681 19.51 23.17 2.65
C LEU A 681 18.44 23.25 1.57
N PHE A 682 18.84 23.16 0.30
CA PHE A 682 17.86 23.22 -0.78
C PHE A 682 16.90 22.03 -0.73
N HIS A 683 17.42 20.83 -0.53
CA HIS A 683 16.58 19.65 -0.41
C HIS A 683 15.87 19.65 0.93
N ARG A 684 14.64 19.13 0.93
CA ARG A 684 13.80 19.16 2.13
C ARG A 684 14.06 17.92 2.98
N GLY A 685 14.42 18.12 4.23
CA GLY A 685 14.54 17.05 5.19
C GLY A 685 15.87 16.31 5.20
N GLU A 686 16.82 16.70 4.35
CA GLU A 686 18.12 16.01 4.35
C GLU A 686 18.86 16.21 5.66
N TYR A 687 18.86 17.44 6.18
CA TYR A 687 19.49 17.69 7.47
C TYR A 687 18.62 17.24 8.64
N SER A 688 17.34 17.02 8.41
CA SER A 688 16.41 16.65 9.47
C SER A 688 16.25 15.14 9.62
N ALA A 689 17.05 14.34 8.91
CA ALA A 689 16.92 12.89 9.01
C ALA A 689 17.24 12.37 10.40
N SER A 690 18.22 12.98 11.07
CA SER A 690 18.62 12.57 12.40
C SER A 690 18.74 13.79 13.30
N PRO A 691 18.49 13.64 14.60
CA PRO A 691 18.68 14.78 15.51
C PRO A 691 20.12 15.26 15.57
N LEU A 692 21.09 14.41 15.23
CA LEU A 692 22.48 14.83 15.13
C LEU A 692 22.70 15.79 13.97
N CYS A 693 21.73 15.93 13.08
CA CYS A 693 21.81 16.82 11.91
C CYS A 693 22.94 16.41 10.98
N LEU A 694 23.29 15.13 10.95
CA LEU A 694 24.34 14.62 10.09
C LEU A 694 23.74 13.81 8.95
N PRO A 695 24.18 14.06 7.71
CA PRO A 695 23.67 13.28 6.57
C PRO A 695 24.21 11.86 6.63
N PHE A 696 23.31 10.88 6.67
CA PHE A 696 23.71 9.48 6.73
C PHE A 696 22.67 8.61 6.05
N PRO A 697 23.10 7.56 5.35
CA PRO A 697 22.15 6.76 4.55
C PRO A 697 21.22 5.90 5.38
N THR A 698 21.42 5.79 6.69
CA THR A 698 20.62 4.89 7.51
C THR A 698 19.15 5.30 7.50
N GLY A 699 18.31 4.49 6.84
CA GLY A 699 16.89 4.75 6.76
C GLY A 699 16.56 6.12 6.19
N GLU A 700 17.35 6.53 5.19
CA GLU A 700 17.12 7.85 4.54
C GLU A 700 17.63 7.78 3.10
N THR A 701 16.74 7.95 2.12
CA THR A 701 17.14 7.91 0.69
C THR A 701 17.39 9.32 0.15
N PRO A 702 16.56 10.36 0.43
CA PRO A 702 16.87 11.72 -0.02
C PRO A 702 18.36 12.02 0.14
N SER A 703 19.00 11.45 1.18
CA SER A 703 20.39 11.76 1.43
C SER A 703 21.31 10.65 0.94
N LEU A 704 20.74 9.48 0.65
CA LEU A 704 21.53 8.33 0.20
C LEU A 704 22.35 8.69 -1.03
N GLY A 705 21.72 9.36 -2.00
CA GLY A 705 22.48 9.87 -3.14
C GLY A 705 23.45 10.97 -2.75
N PHE A 706 23.06 11.80 -1.78
CA PHE A 706 23.94 12.86 -1.32
C PHE A 706 25.10 12.31 -0.50
N THR A 707 24.82 11.39 0.42
CA THR A 707 25.85 10.90 1.33
C THR A 707 26.95 10.16 0.58
N VAL A 708 26.59 9.35 -0.42
CA VAL A 708 27.61 8.62 -1.17
C VAL A 708 28.54 9.59 -1.88
N THR A 709 27.99 10.70 -2.38
CA THR A 709 28.81 11.67 -3.11
C THR A 709 29.90 12.24 -2.22
N LEU A 710 29.57 12.57 -0.97
CA LEU A 710 30.58 13.14 -0.08
C LEU A 710 31.62 12.10 0.31
N VAL A 711 31.18 10.90 0.68
CA VAL A 711 32.13 9.92 1.22
C VAL A 711 33.12 9.48 0.14
N LEU A 712 32.67 9.31 -1.10
CA LEU A 712 33.63 8.97 -2.15
C LEU A 712 34.53 10.15 -2.45
N LEU A 713 34.00 11.37 -2.38
CA LEU A 713 34.81 12.55 -2.66
C LEU A 713 35.93 12.70 -1.64
N ASN A 714 35.62 12.52 -0.36
CA ASN A 714 36.65 12.58 0.67
C ASN A 714 37.65 11.44 0.52
N SER A 715 37.15 10.22 0.37
CA SER A 715 38.04 9.06 0.24
C SER A 715 38.88 9.16 -1.02
N LEU A 716 38.28 9.62 -2.12
CA LEU A 716 39.06 9.81 -3.35
C LEU A 716 40.21 10.78 -3.12
N ALA A 717 39.93 11.90 -2.44
CA ALA A 717 40.97 12.89 -2.19
C ALA A 717 42.12 12.31 -1.38
N PHE A 718 41.87 11.24 -0.63
CA PHE A 718 42.91 10.67 0.22
C PHE A 718 44.06 10.11 -0.62
N LEU A 719 43.75 9.36 -1.68
CA LEU A 719 44.80 8.64 -2.39
C LEU A 719 45.75 9.58 -3.12
N LEU A 720 45.22 10.55 -3.86
CA LEU A 720 46.10 11.45 -4.61
C LEU A 720 47.01 12.22 -3.67
N MET A 721 46.48 12.68 -2.53
CA MET A 721 47.32 13.34 -1.55
C MET A 721 48.18 12.35 -0.77
N ALA A 722 47.91 11.05 -0.89
CA ALA A 722 48.75 10.07 -0.20
C ALA A 722 49.91 9.65 -1.08
N VAL A 723 49.63 9.25 -2.32
CA VAL A 723 50.68 8.71 -3.19
C VAL A 723 51.72 9.78 -3.50
N ILE A 724 51.31 11.05 -3.49
CA ILE A 724 52.29 12.12 -3.70
C ILE A 724 53.28 12.18 -2.56
N TYR A 725 52.80 11.91 -1.34
CA TYR A 725 53.71 11.83 -0.20
C TYR A 725 54.70 10.69 -0.36
N THR A 726 54.21 9.52 -0.80
CA THR A 726 55.11 8.40 -1.09
C THR A 726 56.07 8.75 -2.22
N LYS A 727 55.58 9.43 -3.26
CA LYS A 727 56.47 9.90 -4.32
C LYS A 727 57.50 10.88 -3.77
N LEU A 728 57.07 11.79 -2.90
CA LEU A 728 58.02 12.69 -2.25
C LEU A 728 58.96 11.91 -1.33
N TYR A 729 58.42 10.97 -0.56
CA TYR A 729 59.26 10.20 0.36
C TYR A 729 60.29 9.37 -0.40
N CYS A 730 59.88 8.74 -1.50
CA CYS A 730 60.82 7.99 -2.31
C CYS A 730 61.87 8.90 -2.94
N ASN A 731 61.44 10.05 -3.46
CA ASN A 731 62.37 10.99 -4.09
C ASN A 731 63.29 11.64 -3.07
N LEU A 732 62.90 11.68 -1.79
CA LEU A 732 63.71 12.30 -0.75
C LEU A 732 64.76 11.32 -0.28
N GLU A 733 66.02 11.74 -0.28
CA GLU A 733 67.09 10.90 0.21
C GLU A 733 67.04 10.81 1.73
N LYS A 734 67.49 9.65 2.25
CA LYS A 734 67.42 9.41 3.68
C LYS A 734 68.33 10.34 4.48
N GLU A 735 69.31 10.97 3.85
CA GLU A 735 70.24 11.84 4.55
C GLU A 735 69.79 13.29 4.59
N ASP A 736 68.67 13.64 3.95
CA ASP A 736 68.19 15.01 3.89
C ASP A 736 67.29 15.38 5.07
N LEU A 737 66.90 14.40 5.89
CA LEU A 737 66.03 14.65 7.04
C LEU A 737 66.81 14.82 8.34
N SER A 738 68.14 14.80 8.29
CA SER A 738 68.94 14.80 9.51
C SER A 738 68.78 16.11 10.29
N GLU A 739 68.97 17.24 9.62
CA GLU A 739 68.98 18.53 10.29
C GLU A 739 68.15 19.61 9.61
N ASN A 740 67.56 19.34 8.45
CA ASN A 740 66.79 20.36 7.74
C ASN A 740 65.55 20.75 8.55
N SER A 741 65.27 22.05 8.58
CA SER A 741 64.06 22.53 9.24
C SER A 741 62.80 22.07 8.52
N GLN A 742 62.88 21.78 7.23
CA GLN A 742 61.74 21.24 6.51
C GLN A 742 61.38 19.84 6.98
N SER A 743 62.31 19.13 7.62
CA SER A 743 62.02 17.79 8.12
C SER A 743 60.93 17.82 9.17
N SER A 744 61.00 18.78 10.09
CA SER A 744 59.94 18.90 11.10
C SER A 744 58.61 19.24 10.45
N MET A 745 58.62 20.17 9.50
CA MET A 745 57.38 20.55 8.81
C MET A 745 56.83 19.38 8.01
N ILE A 746 57.69 18.64 7.31
CA ILE A 746 57.20 17.53 6.51
C ILE A 746 56.72 16.40 7.41
N LYS A 747 57.32 16.24 8.59
CA LYS A 747 56.88 15.17 9.49
C LYS A 747 55.57 15.51 10.19
N HIS A 748 55.33 16.80 10.47
CA HIS A 748 54.08 17.18 11.11
C HIS A 748 52.89 16.85 10.23
N VAL A 749 52.98 17.14 8.93
CA VAL A 749 51.90 16.76 8.03
C VAL A 749 51.82 15.24 7.93
N ALA A 750 52.96 14.55 7.99
CA ALA A 750 52.97 13.10 7.87
C ALA A 750 52.12 12.45 8.95
N TRP A 751 51.96 13.10 10.09
CA TRP A 751 51.04 12.62 11.12
C TRP A 751 49.60 13.04 10.84
N LEU A 752 49.40 14.21 10.24
CA LEU A 752 48.04 14.66 9.93
C LEU A 752 47.39 13.77 8.88
N ILE A 753 48.15 13.35 7.87
CA ILE A 753 47.60 12.44 6.87
C ILE A 753 47.28 11.08 7.46
N PHE A 754 47.92 10.73 8.57
CA PHE A 754 47.75 9.40 9.16
C PHE A 754 46.48 9.33 10.02
N THR A 755 46.40 10.17 11.05
CA THR A 755 45.25 10.13 11.95
C THR A 755 43.96 10.47 11.22
N ASN A 756 44.00 11.46 10.32
CA ASN A 756 42.80 11.82 9.58
C ASN A 756 42.34 10.67 8.69
N CYS A 757 43.27 9.89 8.15
CA CYS A 757 42.89 8.77 7.29
C CYS A 757 42.21 7.66 8.10
N ILE A 758 42.83 7.21 9.18
CA ILE A 758 42.30 6.09 9.94
C ILE A 758 40.99 6.47 10.62
N PHE A 759 40.89 7.72 11.10
CA PHE A 759 39.66 8.15 11.77
C PHE A 759 38.50 8.35 10.80
N PHE A 760 38.74 8.32 9.49
CA PHE A 760 37.66 8.50 8.54
C PHE A 760 37.07 7.18 8.04
N CYS A 761 37.83 6.09 8.07
CA CYS A 761 37.32 4.81 7.58
C CYS A 761 36.10 4.32 8.33
N PRO A 762 36.07 4.29 9.68
CA PRO A 762 34.85 3.80 10.35
C PRO A 762 33.60 4.59 9.99
N VAL A 763 33.71 5.91 9.84
CA VAL A 763 32.58 6.70 9.38
C VAL A 763 32.27 6.35 7.92
N ALA A 764 33.31 6.20 7.09
CA ALA A 764 33.11 5.90 5.68
C ALA A 764 32.52 4.51 5.49
N PHE A 765 33.05 3.51 6.20
CA PHE A 765 32.63 2.14 5.95
C PHE A 765 31.26 1.84 6.54
N PHE A 766 30.88 2.53 7.62
CA PHE A 766 29.51 2.41 8.12
C PHE A 766 28.50 3.02 7.15
N SER A 767 28.88 4.06 6.42
CA SER A 767 27.98 4.63 5.42
C SER A 767 27.74 3.67 4.28
N PHE A 768 28.71 2.78 4.00
CA PHE A 768 28.54 1.76 2.97
C PHE A 768 27.75 0.56 3.46
N ALA A 769 27.49 0.47 4.77
CA ALA A 769 26.75 -0.69 5.30
C ALA A 769 25.35 -0.83 4.73
N PRO A 770 24.53 0.23 4.62
CA PRO A 770 23.20 0.03 4.02
C PRO A 770 23.24 -0.51 2.61
N LEU A 771 24.26 -0.17 1.83
CA LEU A 771 24.38 -0.72 0.48
C LEU A 771 24.78 -2.19 0.47
N ILE A 772 25.28 -2.72 1.60
CA ILE A 772 25.66 -4.12 1.71
C ILE A 772 24.61 -4.81 2.58
N THR A 773 23.72 -5.57 1.94
CA THR A 773 22.65 -6.24 2.66
C THR A 773 23.14 -7.42 3.49
N ALA A 774 24.37 -7.89 3.24
CA ALA A 774 24.89 -9.05 3.95
C ALA A 774 25.38 -8.71 5.36
N ILE A 775 25.49 -7.43 5.70
CA ILE A 775 25.95 -6.99 7.01
C ILE A 775 24.81 -6.24 7.67
N SER A 776 24.35 -6.74 8.81
CA SER A 776 23.28 -6.11 9.59
C SER A 776 23.91 -5.55 10.86
N ILE A 777 23.96 -4.23 10.96
CA ILE A 777 24.56 -3.56 12.10
C ILE A 777 23.48 -2.85 12.89
N SER A 778 23.40 -3.15 14.19
CA SER A 778 22.35 -2.59 15.01
C SER A 778 22.52 -1.07 15.13
N PRO A 779 21.44 -0.30 15.08
CA PRO A 779 21.57 1.15 14.87
C PRO A 779 22.40 1.87 15.93
N GLU A 780 22.41 1.41 17.17
CA GLU A 780 23.14 2.12 18.22
C GLU A 780 24.64 2.14 17.99
N ILE A 781 25.18 1.18 17.24
CA ILE A 781 26.62 1.10 17.07
C ILE A 781 27.14 2.25 16.21
N MET A 782 26.43 2.51 15.10
CA MET A 782 26.77 3.62 14.19
C MET A 782 26.69 4.95 14.97
N LYS A 783 25.68 5.09 15.83
CA LYS A 783 25.46 6.32 16.57
C LYS A 783 26.60 6.60 17.54
N SER A 784 27.10 5.55 18.20
CA SER A 784 28.17 5.74 19.18
C SER A 784 29.47 6.15 18.53
N VAL A 785 29.85 5.49 17.43
CA VAL A 785 31.12 5.79 16.79
C VAL A 785 31.09 7.16 16.12
N THR A 786 29.96 7.50 15.49
CA THR A 786 29.86 8.80 14.82
C THR A 786 29.98 9.95 15.81
N LEU A 787 29.59 9.74 17.06
CA LEU A 787 29.77 10.77 18.08
C LEU A 787 31.16 10.75 18.68
N ILE A 788 31.95 9.72 18.42
CA ILE A 788 33.29 9.62 18.99
C ILE A 788 34.39 9.67 17.94
N PHE A 789 34.09 9.39 16.68
CA PHE A 789 35.10 9.37 15.63
C PHE A 789 34.97 10.49 14.63
N PHE A 790 33.75 10.89 14.27
CA PHE A 790 33.58 11.98 13.32
C PHE A 790 34.17 13.30 13.82
N PRO A 791 33.94 13.74 15.06
CA PRO A 791 34.61 14.95 15.55
C PRO A 791 35.98 14.71 16.18
N LEU A 792 36.44 13.47 16.22
CA LEU A 792 37.73 13.17 16.85
C LEU A 792 38.90 13.90 16.20
N PRO A 793 39.06 13.92 14.87
CA PRO A 793 40.22 14.61 14.29
C PRO A 793 40.26 16.09 14.60
N ALA A 794 39.11 16.70 14.92
CA ALA A 794 39.08 18.14 15.21
C ALA A 794 39.91 18.46 16.44
N CYS A 795 39.83 17.63 17.47
CA CYS A 795 40.59 17.89 18.69
C CYS A 795 42.01 17.34 18.62
N LEU A 796 42.22 16.26 17.87
CA LEU A 796 43.54 15.64 17.85
C LEU A 796 44.54 16.42 16.99
N ASN A 797 44.07 17.10 15.94
CA ASN A 797 44.99 17.85 15.09
C ASN A 797 45.77 18.92 15.84
N PRO A 798 45.13 19.80 16.64
CA PRO A 798 45.94 20.78 17.38
C PRO A 798 46.78 20.14 18.48
N VAL A 799 46.34 19.03 19.06
CA VAL A 799 47.09 18.40 20.14
C VAL A 799 48.46 17.96 19.65
N LEU A 800 48.52 17.38 18.45
CA LEU A 800 49.81 16.99 17.88
C LEU A 800 50.69 18.21 17.66
N TYR A 801 50.10 19.32 17.23
CA TYR A 801 50.89 20.50 16.89
C TYR A 801 51.57 21.10 18.12
N VAL A 802 50.83 21.22 19.22
CA VAL A 802 51.37 21.93 20.38
C VAL A 802 52.49 21.14 21.04
N PHE A 803 52.33 19.82 21.15
CA PHE A 803 53.26 19.01 21.92
C PHE A 803 54.36 18.37 21.10
N PHE A 804 54.12 18.11 19.81
CA PHE A 804 55.08 17.37 19.00
C PHE A 804 55.79 18.22 17.95
N ASN A 805 55.31 19.43 17.67
CA ASN A 805 55.94 20.26 16.66
C ASN A 805 56.94 21.19 17.33
N PRO A 806 58.24 21.05 17.07
CA PRO A 806 59.22 21.93 17.73
C PRO A 806 59.06 23.40 17.39
N LYS A 807 58.51 23.72 16.20
CA LYS A 807 58.38 25.11 15.81
C LYS A 807 57.39 25.86 16.70
N PHE A 808 56.32 25.20 17.13
CA PHE A 808 55.30 25.87 17.93
C PHE A 808 55.90 26.43 19.21
N LYS A 809 56.86 25.72 19.81
CA LYS A 809 57.50 26.22 21.03
C LYS A 809 58.18 27.55 20.79
N GLU A 810 58.79 27.72 19.62
CA GLU A 810 59.43 28.99 19.29
C GLU A 810 58.38 30.09 19.15
N ASP A 811 57.25 29.80 18.50
CA ASP A 811 56.19 30.80 18.39
C ASP A 811 55.62 31.13 19.74
N TRP A 812 55.50 30.13 20.62
CA TRP A 812 55.01 30.39 21.97
C TRP A 812 55.92 31.37 22.72
N LYS A 813 57.23 31.25 22.52
CA LYS A 813 58.17 32.18 23.12
C LYS A 813 57.95 33.59 22.59
N LEU A 814 57.71 33.72 21.29
CA LEU A 814 57.50 35.05 20.71
C LEU A 814 56.25 35.70 21.26
N LEU A 815 55.17 34.92 21.41
CA LEU A 815 53.93 35.48 21.95
C LEU A 815 54.10 35.96 23.38
N LYS A 816 54.82 35.19 24.20
CA LYS A 816 55.02 35.57 25.60
C LYS A 816 55.77 36.88 25.71
N ARG A 817 56.79 37.08 24.87
CA ARG A 817 57.55 38.33 24.90
C ARG A 817 56.67 39.52 24.54
N ARG A 818 55.82 39.37 23.52
CA ARG A 818 54.94 40.46 23.12
C ARG A 818 53.90 40.76 24.20
N VAL A 819 53.37 39.72 24.84
CA VAL A 819 52.39 39.93 25.91
C VAL A 819 53.02 40.68 27.07
N THR A 820 54.23 40.27 27.48
CA THR A 820 54.92 40.95 28.56
C THR A 820 55.26 42.39 28.18
N LYS A 821 55.71 42.60 26.94
CA LYS A 821 56.02 43.95 26.50
C LYS A 821 54.78 44.83 26.46
N LYS A 822 53.66 44.28 25.99
CA LYS A 822 52.42 45.04 25.91
C LYS A 822 51.68 45.02 27.25
C1 NAG B . -47.15 -21.06 -27.08
C2 NAG B . -48.52 -20.42 -26.86
C3 NAG B . -49.32 -20.43 -28.16
C4 NAG B . -48.54 -19.71 -29.24
C5 NAG B . -47.17 -20.37 -29.38
C6 NAG B . -46.28 -19.63 -30.35
C7 NAG B . -49.52 -20.46 -24.67
C8 NAG B . -49.03 -19.04 -24.55
N2 NAG B . -49.27 -21.07 -25.82
O3 NAG B . -50.57 -19.81 -27.94
O4 NAG B . -49.24 -19.82 -30.47
O5 NAG B . -46.48 -20.36 -28.12
O6 NAG B . -45.99 -18.33 -29.83
O7 NAG B . -50.14 -21.01 -23.76
C1 NAG C . -36.42 12.64 -7.17
C2 NAG C . -35.94 13.88 -7.91
C3 NAG C . -36.98 14.99 -7.77
C4 NAG C . -38.33 14.50 -8.27
C5 NAG C . -38.72 13.23 -7.51
C6 NAG C . -40.00 12.60 -8.00
C7 NAG C . -33.52 14.17 -8.02
C8 NAG C . -32.42 15.10 -7.63
N2 NAG C . -34.68 14.34 -7.38
O3 NAG C . -36.55 16.12 -8.51
O4 NAG C . -39.31 15.51 -8.03
O5 NAG C . -37.69 12.24 -7.65
O6 NAG C . -41.12 13.45 -7.74
O7 NAG C . -33.38 13.30 -8.86
C1 NAG D . -43.11 6.31 -6.59
C2 NAG D . -42.97 7.38 -7.66
C3 NAG D . -44.04 8.44 -7.43
C4 NAG D . -45.41 7.78 -7.44
C5 NAG D . -45.44 6.70 -6.36
C6 NAG D . -46.74 5.93 -6.36
C7 NAG D . -41.05 8.56 -8.64
C8 NAG D . -40.31 7.74 -9.65
N2 NAG D . -41.61 7.88 -7.64
O3 NAG D . -43.96 9.45 -8.43
O4 NAG D . -46.40 8.76 -7.14
O5 NAG D . -44.40 5.74 -6.61
O6 NAG D . -46.93 5.25 -7.59
O7 NAG D . -41.13 9.78 -8.72
C1 NAG E . -16.14 -49.37 -20.27
C2 NAG E . -14.74 -48.81 -20.52
C3 NAG E . -14.41 -48.92 -22.01
C4 NAG E . -14.55 -50.36 -22.47
C5 NAG E . -15.96 -50.86 -22.15
C6 NAG E . -16.14 -52.32 -22.47
C7 NAG E . -13.97 -47.09 -19.00
C8 NAG E . -13.97 -45.63 -18.67
N2 NAG E . -14.66 -47.45 -20.08
O3 NAG E . -13.09 -48.44 -22.21
O4 NAG E . -14.35 -50.42 -23.87
O5 NAG E . -16.24 -50.71 -20.74
O6 NAG E . -15.86 -52.57 -23.85
O7 NAG E . -13.38 -47.91 -18.31
#